data_3F07
#
_entry.id   3F07
#
_cell.length_a   88.381
_cell.length_b   90.171
_cell.length_c   92.267
_cell.angle_alpha   90.00
_cell.angle_beta   94.74
_cell.angle_gamma   90.00
#
_symmetry.space_group_name_H-M   'P 1 21 1'
#
loop_
_entity.id
_entity.type
_entity.pdbx_description
1 polymer 'Histone deacetylase 8'
2 non-polymer 'ZINC ION'
3 non-polymer 'POTASSIUM ION'
4 non-polymer (2E)-N-hydroxy-3-[1-methyl-4-(phenylacetyl)-1H-pyrrol-2-yl]prop-2-enamide
5 water water
#
_entity_poly.entity_id   1
_entity_poly.type   'polypeptide(L)'
_entity_poly.pdbx_seq_one_letter_code
;MEEPEEPADSGQSLVPVYIYSPEYVSMCDSLAKIPKRASMVHSLIEAYALHKQMRIVKPKVASMEEMATFHTDAYLQHLQ
KVSQEGDDDHPDSIEYGLGYDCPATEGIFDYAAAIGGATITAAQCLIDGMCKVAINWSGGWHHAKKDEASGFCYLNDAVL
GILRLRRKFERILYVDLDLHHGDGVEDAFSFTSKVMTVSLHKFSPGFFPGTGDVSDVGLGKGRYYSVNVPIQDGIQDEKY
YQICESVLKEVYQAFNPKAVVLQLGADTIAGDPMCSFNMTPVGIGKCLKYILQWQLATLILGGGGYNLANTARCWTYLTG
VILGKTLSSEIPDHEFFTAYGPDYVLEITPSCRPDRNEPHRIQQILNYIKGNLKHVVIEGRSHHHHHH
;
_entity_poly.pdbx_strand_id   A,B,C
#
# COMPACT_ATOMS: atom_id res chain seq x y z
N SER A 13 50.01 10.59 -10.60
CA SER A 13 51.34 11.06 -11.11
C SER A 13 51.40 12.57 -11.02
N LEU A 14 52.38 13.14 -11.70
CA LEU A 14 52.55 14.60 -11.75
C LEU A 14 52.05 14.97 -13.14
N VAL A 15 51.75 13.94 -13.92
CA VAL A 15 51.25 14.10 -15.28
C VAL A 15 49.73 14.39 -15.29
N PRO A 16 49.32 15.43 -16.05
CA PRO A 16 47.92 15.84 -16.18
C PRO A 16 47.06 14.84 -16.94
N VAL A 17 45.80 14.74 -16.53
CA VAL A 17 44.86 13.84 -17.18
C VAL A 17 44.04 14.64 -18.19
N TYR A 18 44.10 14.21 -19.44
CA TYR A 18 43.39 14.89 -20.52
C TYR A 18 42.16 14.11 -21.00
N ILE A 19 41.00 14.33 -20.38
CA ILE A 19 39.78 13.62 -20.79
C ILE A 19 39.59 13.81 -22.31
N TYR A 20 39.61 12.70 -23.03
CA TYR A 20 39.45 12.69 -24.49
C TYR A 20 39.03 11.32 -25.02
N SER A 21 38.38 11.34 -26.18
CA SER A 21 37.88 10.16 -26.87
C SER A 21 37.28 10.65 -28.18
N PRO A 22 37.77 10.13 -29.31
CA PRO A 22 37.24 10.55 -30.62
C PRO A 22 35.70 10.56 -30.70
N GLU A 23 35.06 9.65 -29.99
CA GLU A 23 33.60 9.56 -29.96
C GLU A 23 33.07 10.84 -29.34
N TYR A 24 33.66 11.14 -28.18
CA TYR A 24 33.34 12.32 -27.39
C TYR A 24 33.52 13.63 -28.18
N VAL A 25 34.65 13.78 -28.85
CA VAL A 25 34.89 14.98 -29.63
C VAL A 25 33.81 15.15 -30.69
N SER A 26 33.44 14.05 -31.33
CA SER A 26 32.41 14.09 -32.36
C SER A 26 31.10 14.53 -31.74
N MET A 27 30.80 13.95 -30.58
CA MET A 27 29.59 14.28 -29.86
C MET A 27 29.50 15.78 -29.62
N CYS A 28 30.56 16.36 -29.08
CA CYS A 28 30.62 17.80 -28.77
C CYS A 28 30.52 18.70 -30.00
N ASP A 29 30.93 18.17 -31.14
CA ASP A 29 30.89 18.91 -32.40
C ASP A 29 29.47 19.21 -32.85
N SER A 30 28.55 18.30 -32.52
CA SER A 30 27.17 18.45 -32.93
C SER A 30 26.44 19.64 -32.28
N LEU A 31 27.11 20.33 -31.35
CA LEU A 31 26.43 21.47 -30.74
C LEU A 31 26.30 22.64 -31.71
N ALA A 32 25.06 23.10 -31.84
CA ALA A 32 24.70 24.21 -32.71
C ALA A 32 25.64 25.40 -32.65
N LYS A 33 25.49 26.20 -31.60
CA LYS A 33 26.29 27.41 -31.44
C LYS A 33 27.81 27.31 -31.66
N ILE A 34 28.39 26.13 -31.48
CA ILE A 34 29.84 25.97 -31.66
C ILE A 34 30.24 24.71 -32.43
N PRO A 35 29.87 24.64 -33.72
CA PRO A 35 30.16 23.51 -34.60
C PRO A 35 31.64 23.25 -34.87
N LYS A 36 32.05 22.00 -34.71
CA LYS A 36 33.44 21.61 -34.95
C LYS A 36 34.46 22.22 -33.99
N ARG A 37 33.99 23.01 -33.01
CA ARG A 37 34.91 23.63 -32.08
C ARG A 37 35.71 22.61 -31.27
N ALA A 38 35.02 21.64 -30.68
CA ALA A 38 35.70 20.63 -29.89
C ALA A 38 36.83 19.96 -30.68
N SER A 39 36.56 19.66 -31.94
CA SER A 39 37.55 19.04 -32.81
C SER A 39 38.72 19.96 -33.06
N MET A 40 38.41 21.20 -33.43
CA MET A 40 39.42 22.21 -33.72
C MET A 40 40.42 22.37 -32.59
N VAL A 41 39.92 22.27 -31.37
CA VAL A 41 40.73 22.40 -30.17
C VAL A 41 41.62 21.17 -29.96
N HIS A 42 41.03 19.98 -29.95
CA HIS A 42 41.81 18.75 -29.79
C HIS A 42 42.84 18.67 -30.89
N SER A 43 42.38 18.99 -32.10
CA SER A 43 43.23 18.98 -33.28
C SER A 43 44.47 19.83 -33.10
N LEU A 44 44.31 21.03 -32.56
CA LEU A 44 45.44 21.94 -32.37
C LEU A 44 46.34 21.53 -31.20
N ILE A 45 45.74 20.95 -30.16
CA ILE A 45 46.51 20.50 -28.99
C ILE A 45 47.36 19.30 -29.44
N GLU A 46 46.83 18.59 -30.42
CA GLU A 46 47.48 17.41 -30.98
C GLU A 46 48.62 17.84 -31.91
N ALA A 47 48.38 18.91 -32.68
CA ALA A 47 49.36 19.44 -33.61
C ALA A 47 50.61 19.95 -32.88
N TYR A 48 50.45 20.36 -31.63
CA TYR A 48 51.60 20.79 -30.86
C TYR A 48 52.03 19.56 -30.07
N ALA A 49 51.39 18.44 -30.41
CA ALA A 49 51.64 17.15 -29.79
C ALA A 49 51.87 17.26 -28.29
N LEU A 50 50.90 17.85 -27.60
CA LEU A 50 50.98 18.03 -26.17
C LEU A 50 50.37 16.82 -25.52
N HIS A 51 49.42 16.20 -26.23
CA HIS A 51 48.73 15.01 -25.74
C HIS A 51 49.74 13.95 -25.32
N LYS A 52 50.86 13.89 -26.06
CA LYS A 52 51.90 12.93 -25.78
C LYS A 52 52.46 13.12 -24.38
N GLN A 53 52.39 14.35 -23.87
CA GLN A 53 52.87 14.66 -22.53
C GLN A 53 51.76 14.58 -21.48
N MET A 54 50.61 14.00 -21.83
CA MET A 54 49.51 13.87 -20.89
C MET A 54 48.94 12.45 -20.85
N ARG A 55 48.05 12.21 -19.91
CA ARG A 55 47.44 10.90 -19.72
C ARG A 55 46.02 10.95 -20.28
N ILE A 56 45.79 10.35 -21.43
CA ILE A 56 44.46 10.37 -22.03
C ILE A 56 43.49 9.46 -21.28
N VAL A 57 42.22 9.87 -21.20
CA VAL A 57 41.22 9.09 -20.48
C VAL A 57 39.83 9.16 -21.16
N LYS A 58 39.18 8.01 -21.32
CA LYS A 58 37.86 8.02 -21.95
C LYS A 58 36.76 8.41 -20.99
N PRO A 59 35.86 9.29 -21.46
CA PRO A 59 34.71 9.83 -20.72
C PRO A 59 33.65 8.76 -20.37
N LYS A 60 33.39 8.59 -19.08
CA LYS A 60 32.39 7.63 -18.63
C LYS A 60 30.99 8.24 -18.67
N VAL A 61 30.37 8.21 -19.85
CA VAL A 61 29.08 8.86 -20.04
C VAL A 61 28.25 8.86 -18.76
N ALA A 62 27.88 10.05 -18.30
CA ALA A 62 27.13 10.18 -17.04
C ALA A 62 25.87 9.32 -17.06
N SER A 63 25.65 8.59 -15.98
CA SER A 63 24.46 7.75 -15.85
C SER A 63 23.29 8.64 -15.54
N MET A 64 22.10 8.15 -15.84
CA MET A 64 20.89 8.92 -15.56
C MET A 64 20.90 9.33 -14.10
N GLU A 65 21.32 8.40 -13.25
CA GLU A 65 21.36 8.62 -11.81
C GLU A 65 22.39 9.63 -11.35
N GLU A 66 23.55 9.64 -12.01
CA GLU A 66 24.61 10.60 -11.66
C GLU A 66 24.17 12.02 -11.99
N MET A 67 23.63 12.20 -13.20
CA MET A 67 23.16 13.51 -13.61
C MET A 67 22.07 13.99 -12.67
N ALA A 68 21.29 13.05 -12.16
CA ALA A 68 20.19 13.36 -11.27
C ALA A 68 20.66 13.80 -9.90
N THR A 69 21.96 13.86 -9.67
CA THR A 69 22.47 14.30 -8.38
C THR A 69 22.35 15.81 -8.23
N PHE A 70 21.96 16.48 -9.31
CA PHE A 70 21.77 17.91 -9.29
C PHE A 70 20.56 18.34 -10.08
N HIS A 71 20.21 17.58 -11.10
CA HIS A 71 19.06 17.93 -11.92
C HIS A 71 17.83 17.10 -11.52
N THR A 72 16.66 17.71 -11.56
CA THR A 72 15.41 17.03 -11.21
C THR A 72 15.15 15.94 -12.23
N ASP A 73 14.53 14.85 -11.79
CA ASP A 73 14.22 13.76 -12.71
C ASP A 73 13.30 14.30 -13.81
N ALA A 74 12.31 15.08 -13.38
CA ALA A 74 11.35 15.67 -14.30
C ALA A 74 12.09 16.33 -15.48
N TYR A 75 13.13 17.08 -15.16
CA TYR A 75 13.90 17.77 -16.19
C TYR A 75 14.70 16.81 -17.08
N LEU A 76 15.55 16.00 -16.45
CA LEU A 76 16.38 15.03 -17.19
C LEU A 76 15.52 14.19 -18.11
N GLN A 77 14.33 13.84 -17.65
CA GLN A 77 13.42 13.03 -18.42
C GLN A 77 12.88 13.80 -19.62
N HIS A 78 12.42 15.03 -19.37
CA HIS A 78 11.90 15.87 -20.45
C HIS A 78 13.01 16.13 -21.47
N LEU A 79 14.22 16.34 -20.97
CA LEU A 79 15.36 16.60 -21.84
C LEU A 79 15.56 15.37 -22.69
N GLN A 80 15.28 14.22 -22.10
CA GLN A 80 15.42 12.96 -22.80
C GLN A 80 14.39 12.86 -23.91
N LYS A 81 13.11 12.99 -23.58
CA LYS A 81 12.04 12.91 -24.57
C LYS A 81 12.47 13.72 -25.79
N VAL A 82 12.47 15.03 -25.65
CA VAL A 82 12.83 15.94 -26.74
C VAL A 82 14.04 15.51 -27.55
N SER A 83 15.03 14.90 -26.88
CA SER A 83 16.25 14.44 -27.51
C SER A 83 15.98 13.31 -28.49
N GLN A 84 14.94 12.53 -28.21
CA GLN A 84 14.55 11.41 -29.07
C GLN A 84 13.39 11.81 -29.98
N GLU A 85 13.50 12.98 -30.59
CA GLU A 85 12.39 13.57 -31.33
C GLU A 85 12.79 14.87 -32.02
N GLY A 86 12.15 15.97 -31.62
CA GLY A 86 12.60 17.29 -32.02
C GLY A 86 11.87 18.39 -31.27
N ASP A 87 11.51 18.11 -30.03
CA ASP A 87 10.53 18.93 -29.32
C ASP A 87 9.34 19.25 -30.20
N ASP A 88 8.55 18.23 -30.53
CA ASP A 88 7.39 18.40 -31.40
C ASP A 88 6.30 19.22 -30.73
N ASP A 89 6.27 20.51 -31.03
CA ASP A 89 5.29 21.42 -30.42
C ASP A 89 5.73 21.80 -29.01
N HIS A 90 5.46 20.91 -28.05
CA HIS A 90 5.85 21.10 -26.67
C HIS A 90 5.90 22.57 -26.26
N PRO A 91 4.73 23.12 -25.91
CA PRO A 91 4.63 24.51 -25.48
C PRO A 91 5.13 24.57 -24.02
N ASP A 92 5.49 23.40 -23.48
CA ASP A 92 6.02 23.26 -22.12
C ASP A 92 7.51 23.50 -22.09
N SER A 93 8.08 23.61 -23.29
CA SER A 93 9.50 23.84 -23.46
C SER A 93 9.98 24.97 -22.57
N ILE A 94 9.41 26.15 -22.77
CA ILE A 94 9.81 27.33 -21.99
C ILE A 94 9.93 27.00 -20.51
N GLU A 95 9.11 26.08 -20.03
CA GLU A 95 9.15 25.71 -18.63
C GLU A 95 10.48 25.07 -18.26
N TYR A 96 11.20 24.55 -19.25
CA TYR A 96 12.49 23.91 -19.00
C TYR A 96 13.66 24.59 -19.68
N GLY A 97 13.40 25.71 -20.33
CA GLY A 97 14.48 26.44 -20.95
C GLY A 97 14.77 26.18 -22.41
N LEU A 98 14.20 25.12 -22.96
CA LEU A 98 14.44 24.82 -24.36
C LEU A 98 13.75 25.85 -25.24
N GLY A 99 14.53 26.57 -26.04
CA GLY A 99 13.96 27.59 -26.92
C GLY A 99 14.94 28.00 -28.00
N TYR A 100 15.44 29.23 -27.94
CA TYR A 100 16.41 29.65 -28.95
C TYR A 100 17.80 29.58 -28.36
N ASP A 101 18.01 30.25 -27.23
CA ASP A 101 19.29 30.23 -26.54
C ASP A 101 19.55 28.88 -25.88
N CYS A 102 18.73 27.89 -26.24
CA CYS A 102 18.97 26.51 -25.83
C CYS A 102 18.16 25.53 -26.68
N PRO A 103 18.51 25.45 -27.95
CA PRO A 103 17.71 24.70 -28.92
C PRO A 103 17.65 23.22 -28.57
N ALA A 104 16.44 22.71 -28.38
CA ALA A 104 16.24 21.31 -28.00
C ALA A 104 16.34 20.38 -29.19
N THR A 105 17.45 20.46 -29.92
CA THR A 105 17.63 19.62 -31.10
C THR A 105 17.63 18.15 -30.69
N GLU A 106 17.74 17.28 -31.69
CA GLU A 106 17.75 15.83 -31.49
C GLU A 106 19.03 15.27 -30.87
N GLY A 107 18.87 14.23 -30.06
CA GLY A 107 20.02 13.60 -29.42
C GLY A 107 20.89 14.49 -28.55
N ILE A 108 20.34 15.54 -27.93
CA ILE A 108 21.15 16.38 -27.07
C ILE A 108 21.31 15.72 -25.73
N PHE A 109 20.35 14.87 -25.38
CA PHE A 109 20.45 14.22 -24.09
C PHE A 109 21.79 13.52 -24.01
N ASP A 110 22.08 12.73 -25.03
CA ASP A 110 23.34 11.99 -25.09
C ASP A 110 24.47 13.00 -25.05
N TYR A 111 24.24 14.16 -25.65
CA TYR A 111 25.19 15.25 -25.68
C TYR A 111 25.51 15.61 -24.23
N ALA A 112 24.48 16.00 -23.48
CA ALA A 112 24.62 16.37 -22.08
C ALA A 112 25.37 15.27 -21.35
N ALA A 113 24.72 14.12 -21.26
CA ALA A 113 25.30 12.96 -20.58
C ALA A 113 26.78 12.73 -20.94
N ALA A 114 27.12 12.90 -22.21
CA ALA A 114 28.50 12.69 -22.65
C ALA A 114 29.45 13.62 -21.92
N ILE A 115 29.10 14.91 -21.91
CA ILE A 115 29.88 15.95 -21.27
C ILE A 115 29.91 15.81 -19.75
N GLY A 116 28.72 15.79 -19.14
CA GLY A 116 28.63 15.64 -17.70
C GLY A 116 29.44 14.44 -17.21
N GLY A 117 29.44 13.37 -18.00
CA GLY A 117 30.19 12.18 -17.64
C GLY A 117 31.67 12.53 -17.66
N ALA A 118 32.13 13.11 -18.77
CA ALA A 118 33.53 13.49 -18.91
C ALA A 118 34.02 14.27 -17.69
N THR A 119 33.31 15.34 -17.33
CA THR A 119 33.68 16.16 -16.18
C THR A 119 33.70 15.32 -14.90
N ILE A 120 32.76 14.39 -14.79
CA ILE A 120 32.68 13.53 -13.63
C ILE A 120 33.90 12.63 -13.61
N THR A 121 34.26 12.14 -14.79
CA THR A 121 35.43 11.27 -14.92
C THR A 121 36.63 12.05 -14.40
N ALA A 122 36.80 13.25 -14.94
CA ALA A 122 37.91 14.13 -14.57
C ALA A 122 38.04 14.21 -13.06
N ALA A 123 36.89 14.45 -12.43
CA ALA A 123 36.83 14.55 -10.97
C ALA A 123 37.23 13.24 -10.30
N GLN A 124 36.84 12.12 -10.92
CA GLN A 124 37.16 10.81 -10.37
C GLN A 124 38.67 10.64 -10.31
N CYS A 125 39.32 10.91 -11.44
CA CYS A 125 40.76 10.80 -11.54
C CYS A 125 41.45 11.62 -10.47
N LEU A 126 40.97 12.84 -10.27
CA LEU A 126 41.54 13.73 -9.25
C LEU A 126 41.42 13.09 -7.87
N ILE A 127 40.25 12.49 -7.62
CA ILE A 127 39.96 11.82 -6.37
C ILE A 127 40.91 10.64 -6.15
N ASP A 128 41.03 9.80 -7.17
CA ASP A 128 41.88 8.63 -7.10
C ASP A 128 43.38 8.90 -7.18
N GLY A 129 43.80 10.11 -6.80
CA GLY A 129 45.22 10.45 -6.82
C GLY A 129 45.97 10.19 -8.13
N MET A 130 45.22 9.89 -9.19
CA MET A 130 45.80 9.60 -10.49
C MET A 130 46.53 10.80 -11.10
N CYS A 131 46.22 11.99 -10.60
CA CYS A 131 46.83 13.22 -11.11
C CYS A 131 46.48 14.39 -10.22
N LYS A 132 47.10 15.53 -10.48
CA LYS A 132 46.84 16.74 -9.72
C LYS A 132 46.00 17.68 -10.58
N VAL A 133 45.96 17.41 -11.88
CA VAL A 133 45.18 18.23 -12.80
C VAL A 133 44.47 17.41 -13.87
N ALA A 134 43.15 17.56 -13.95
CA ALA A 134 42.33 16.85 -14.94
C ALA A 134 41.67 17.88 -15.87
N ILE A 135 41.73 17.63 -17.17
CA ILE A 135 41.18 18.56 -18.15
C ILE A 135 40.02 18.05 -18.98
N ASN A 136 39.07 18.94 -19.24
CA ASN A 136 37.89 18.66 -20.06
C ASN A 136 37.45 19.99 -20.64
N TRP A 137 38.01 20.35 -21.78
CA TRP A 137 37.67 21.63 -22.39
C TRP A 137 36.25 21.72 -22.89
N SER A 138 35.59 20.59 -23.06
CA SER A 138 34.20 20.59 -23.53
C SER A 138 33.26 21.08 -22.43
N GLY A 139 33.58 20.70 -21.20
CA GLY A 139 32.77 21.10 -20.07
C GLY A 139 32.81 22.60 -19.83
N GLY A 140 32.22 23.03 -18.72
CA GLY A 140 32.19 24.43 -18.39
C GLY A 140 30.81 25.02 -18.60
N TRP A 141 29.81 24.15 -18.77
CA TRP A 141 28.43 24.59 -18.98
C TRP A 141 27.80 25.13 -17.69
N HIS A 142 28.28 26.29 -17.25
CA HIS A 142 27.88 26.93 -15.99
C HIS A 142 26.51 27.59 -15.77
N HIS A 143 25.68 27.73 -16.81
CA HIS A 143 24.39 28.38 -16.64
C HIS A 143 23.24 27.46 -16.28
N ALA A 144 23.32 26.21 -16.73
CA ALA A 144 22.27 25.22 -16.48
C ALA A 144 21.78 25.18 -15.03
N LYS A 145 20.48 25.32 -14.86
CA LYS A 145 19.85 25.30 -13.55
C LYS A 145 19.48 23.87 -13.20
N LYS A 146 19.15 23.63 -11.94
CA LYS A 146 18.78 22.30 -11.51
C LYS A 146 17.64 21.69 -12.32
N ASP A 147 16.91 22.51 -13.06
CA ASP A 147 15.79 22.00 -13.86
C ASP A 147 15.29 23.05 -14.84
N GLU A 148 16.13 23.39 -15.82
CA GLU A 148 15.79 24.40 -16.82
C GLU A 148 17.09 24.78 -17.53
N ALA A 149 17.18 24.50 -18.82
CA ALA A 149 18.39 24.86 -19.55
C ALA A 149 18.56 26.37 -19.50
N SER A 150 19.74 26.86 -19.85
CA SER A 150 19.99 28.30 -19.80
C SER A 150 21.25 28.63 -20.62
N GLY A 151 21.14 29.63 -21.47
CA GLY A 151 22.27 30.04 -22.29
C GLY A 151 23.16 28.92 -22.81
N PHE A 152 22.57 28.03 -23.60
CA PHE A 152 23.28 26.89 -24.20
C PHE A 152 23.84 25.88 -23.21
N CYS A 153 23.29 25.87 -22.00
CA CYS A 153 23.73 24.92 -20.97
C CYS A 153 22.58 24.01 -20.60
N TYR A 154 22.55 22.82 -21.19
CA TYR A 154 21.47 21.88 -20.93
C TYR A 154 21.74 21.00 -19.71
N LEU A 155 23.00 20.93 -19.32
CA LEU A 155 23.38 20.11 -18.19
C LEU A 155 24.53 20.87 -17.52
N ASN A 156 24.57 20.89 -16.20
CA ASN A 156 25.64 21.62 -15.54
C ASN A 156 26.73 20.70 -15.04
N ASP A 157 27.64 20.35 -15.94
CA ASP A 157 28.74 19.46 -15.59
C ASP A 157 29.60 20.09 -14.50
N ALA A 158 29.75 21.41 -14.56
CA ALA A 158 30.54 22.13 -13.58
C ALA A 158 30.10 21.70 -12.18
N VAL A 159 28.81 21.77 -11.91
CA VAL A 159 28.28 21.38 -10.60
C VAL A 159 28.52 19.91 -10.31
N LEU A 160 28.15 19.04 -11.26
CA LEU A 160 28.35 17.61 -11.10
C LEU A 160 29.76 17.26 -10.65
N GLY A 161 30.75 17.85 -11.32
CA GLY A 161 32.12 17.59 -10.96
C GLY A 161 32.40 17.98 -9.51
N ILE A 162 31.84 19.12 -9.11
CA ILE A 162 32.03 19.60 -7.75
C ILE A 162 31.41 18.60 -6.77
N LEU A 163 30.24 18.09 -7.10
CA LEU A 163 29.58 17.13 -6.22
C LEU A 163 30.44 15.88 -6.07
N ARG A 164 30.79 15.29 -7.20
CA ARG A 164 31.62 14.08 -7.23
C ARG A 164 32.93 14.32 -6.47
N LEU A 165 33.45 15.54 -6.61
CA LEU A 165 34.69 15.94 -5.96
C LEU A 165 34.54 15.99 -4.44
N ARG A 166 33.43 16.57 -3.97
CA ARG A 166 33.20 16.71 -2.54
C ARG A 166 33.21 15.38 -1.78
N ARG A 167 33.24 14.28 -2.53
CA ARG A 167 33.28 12.96 -1.92
C ARG A 167 34.57 12.79 -1.11
N LYS A 168 35.66 13.29 -1.68
CA LYS A 168 36.95 13.18 -1.02
C LYS A 168 37.42 14.48 -0.39
N PHE A 169 37.11 15.60 -1.03
CA PHE A 169 37.56 16.89 -0.53
C PHE A 169 36.50 17.69 0.22
N GLU A 170 36.90 18.28 1.34
CA GLU A 170 36.00 19.04 2.20
C GLU A 170 35.55 20.36 1.60
N ARG A 171 36.47 21.31 1.49
CA ARG A 171 36.12 22.60 0.90
C ARG A 171 36.61 22.63 -0.53
N ILE A 172 35.70 22.97 -1.46
CA ILE A 172 36.03 23.05 -2.87
C ILE A 172 35.80 24.44 -3.41
N LEU A 173 36.75 24.92 -4.20
CA LEU A 173 36.67 26.25 -4.77
C LEU A 173 36.39 26.25 -6.27
N TYR A 174 35.39 27.03 -6.68
CA TYR A 174 35.03 27.12 -8.08
C TYR A 174 35.35 28.52 -8.58
N VAL A 175 36.32 28.62 -9.48
CA VAL A 175 36.72 29.91 -10.03
C VAL A 175 36.22 30.00 -11.48
N ASP A 176 35.34 30.95 -11.74
CA ASP A 176 34.76 31.11 -13.07
C ASP A 176 35.28 32.32 -13.82
N LEU A 177 36.11 32.07 -14.82
CA LEU A 177 36.69 33.13 -15.61
C LEU A 177 36.03 33.33 -16.97
N ASP A 178 34.86 32.76 -17.15
CA ASP A 178 34.15 32.92 -18.40
C ASP A 178 33.75 34.37 -18.46
N LEU A 179 33.34 34.85 -19.64
CA LEU A 179 32.92 36.24 -19.76
C LEU A 179 31.69 36.44 -18.92
N HIS A 180 30.77 35.49 -19.02
CA HIS A 180 29.52 35.56 -18.28
C HIS A 180 29.62 35.11 -16.83
N HIS A 181 28.71 35.58 -16.00
CA HIS A 181 28.67 35.23 -14.59
C HIS A 181 28.22 33.79 -14.48
N GLY A 182 28.87 33.01 -13.62
CA GLY A 182 28.48 31.62 -13.46
C GLY A 182 27.33 31.45 -12.50
N ASP A 183 26.16 31.91 -12.91
CA ASP A 183 24.96 31.85 -12.08
C ASP A 183 24.57 30.44 -11.67
N GLY A 184 24.29 29.58 -12.64
CA GLY A 184 23.92 28.21 -12.33
C GLY A 184 24.76 27.54 -11.26
N VAL A 185 26.08 27.53 -11.44
CA VAL A 185 26.97 26.92 -10.47
C VAL A 185 26.90 27.63 -9.13
N GLU A 186 26.82 28.96 -9.18
CA GLU A 186 26.75 29.74 -7.96
C GLU A 186 25.54 29.42 -7.13
N ASP A 187 24.37 29.36 -7.77
CA ASP A 187 23.13 29.07 -7.08
C ASP A 187 23.20 27.73 -6.42
N ALA A 188 23.54 26.71 -7.18
CA ALA A 188 23.64 25.38 -6.63
C ALA A 188 24.30 25.38 -5.25
N PHE A 189 25.35 26.18 -5.10
CA PHE A 189 26.05 26.23 -3.82
C PHE A 189 25.96 27.56 -3.09
N SER A 190 24.89 28.31 -3.33
CA SER A 190 24.73 29.61 -2.71
C SER A 190 24.47 29.54 -1.22
N PHE A 191 23.83 28.46 -0.78
CA PHE A 191 23.52 28.30 0.64
C PHE A 191 24.50 27.51 1.48
N THR A 192 25.58 27.01 0.88
CA THR A 192 26.55 26.24 1.65
C THR A 192 27.88 26.94 1.77
N SER A 193 28.71 26.45 2.71
CA SER A 193 30.02 27.03 2.94
C SER A 193 31.09 26.01 2.57
N LYS A 194 30.64 24.83 2.14
CA LYS A 194 31.56 23.76 1.75
C LYS A 194 32.15 24.07 0.36
N VAL A 195 31.43 24.87 -0.41
CA VAL A 195 31.87 25.24 -1.74
C VAL A 195 31.84 26.73 -1.95
N MET A 196 32.96 27.30 -2.38
CA MET A 196 33.02 28.73 -2.64
C MET A 196 33.14 28.99 -4.13
N THR A 197 32.35 29.95 -4.61
CA THR A 197 32.35 30.30 -6.00
C THR A 197 32.87 31.71 -6.29
N VAL A 198 33.92 31.79 -7.08
CA VAL A 198 34.49 33.07 -7.45
C VAL A 198 34.24 33.28 -8.93
N SER A 199 33.62 34.40 -9.30
CA SER A 199 33.31 34.68 -10.70
C SER A 199 33.68 36.06 -11.21
N LEU A 200 34.56 36.11 -12.21
CA LEU A 200 34.93 37.37 -12.86
C LEU A 200 34.11 37.38 -14.12
N HIS A 201 33.48 38.52 -14.42
CA HIS A 201 32.62 38.58 -15.59
C HIS A 201 32.16 40.00 -15.88
N LYS A 202 31.69 40.21 -17.10
CA LYS A 202 31.17 41.51 -17.47
C LYS A 202 29.80 41.62 -16.84
N PHE A 203 29.57 42.68 -16.08
CA PHE A 203 28.27 42.91 -15.47
C PHE A 203 27.75 44.25 -15.95
N SER A 204 26.65 44.20 -16.70
CA SER A 204 26.08 45.41 -17.24
C SER A 204 24.60 45.21 -17.56
N PRO A 205 23.85 46.32 -17.76
CA PRO A 205 22.42 46.30 -18.08
C PRO A 205 22.16 45.60 -19.39
N GLY A 206 21.40 44.51 -19.32
CA GLY A 206 21.08 43.76 -20.51
C GLY A 206 22.01 42.59 -20.77
N PHE A 207 23.24 42.70 -20.28
CA PHE A 207 24.21 41.64 -20.50
C PHE A 207 23.82 40.45 -19.67
N PHE A 208 23.58 39.33 -20.35
CA PHE A 208 23.17 38.06 -19.75
C PHE A 208 24.23 37.42 -18.86
N PRO A 209 23.83 36.79 -17.74
CA PRO A 209 22.47 36.62 -17.23
C PRO A 209 22.01 37.87 -16.48
N GLY A 210 22.93 38.83 -16.38
CA GLY A 210 22.65 40.08 -15.69
C GLY A 210 22.57 39.92 -14.18
N THR A 211 23.01 38.76 -13.70
CA THR A 211 23.04 38.49 -12.27
C THR A 211 24.45 38.63 -11.70
N GLY A 212 24.57 38.46 -10.39
CA GLY A 212 25.87 38.52 -9.73
C GLY A 212 26.52 39.88 -9.88
N ASP A 213 25.96 40.88 -9.20
CA ASP A 213 26.73 42.05 -8.80
C ASP A 213 27.87 41.68 -7.88
N VAL A 214 28.50 42.69 -7.29
CA VAL A 214 29.47 42.47 -6.21
C VAL A 214 28.77 42.37 -4.86
N SER A 215 27.54 42.86 -4.79
CA SER A 215 26.76 42.80 -3.56
C SER A 215 26.19 41.40 -3.40
N ASP A 216 26.38 40.58 -4.44
CA ASP A 216 25.93 39.19 -4.41
C ASP A 216 26.96 38.43 -3.59
N VAL A 217 26.53 37.84 -2.48
CA VAL A 217 27.45 37.13 -1.58
C VAL A 217 27.06 35.71 -1.15
N GLY A 218 25.78 35.37 -1.30
CA GLY A 218 25.31 34.06 -0.89
C GLY A 218 24.24 34.22 0.18
N LEU A 219 23.60 33.12 0.54
CA LEU A 219 22.55 33.18 1.54
C LEU A 219 22.74 32.21 2.69
N GLY A 220 22.14 32.53 3.83
CA GLY A 220 22.24 31.68 5.00
C GLY A 220 23.68 31.43 5.37
N LYS A 221 24.03 30.16 5.59
CA LYS A 221 25.40 29.80 5.95
C LYS A 221 26.26 29.73 4.70
N GLY A 222 25.72 30.26 3.62
CA GLY A 222 26.45 30.27 2.36
C GLY A 222 26.73 31.72 2.02
N ARG A 223 26.41 32.58 3.00
CA ARG A 223 26.60 34.01 2.88
C ARG A 223 28.11 34.25 2.90
N TYR A 224 28.56 35.12 2.02
CA TYR A 224 29.98 35.45 1.87
C TYR A 224 30.73 34.26 1.28
N TYR A 225 30.01 33.29 0.73
CA TYR A 225 30.68 32.14 0.15
C TYR A 225 30.45 32.10 -1.33
N SER A 226 30.10 33.27 -1.85
CA SER A 226 29.88 33.51 -3.25
C SER A 226 30.48 34.88 -3.50
N VAL A 227 31.59 34.93 -4.23
CA VAL A 227 32.24 36.20 -4.54
C VAL A 227 32.12 36.51 -6.03
N ASN A 228 31.66 37.72 -6.35
CA ASN A 228 31.49 38.14 -7.73
C ASN A 228 32.19 39.45 -8.04
N VAL A 229 33.07 39.45 -9.03
CA VAL A 229 33.80 40.64 -9.42
C VAL A 229 33.31 41.17 -10.77
N PRO A 230 32.40 42.17 -10.75
CA PRO A 230 31.86 42.74 -11.98
C PRO A 230 32.88 43.61 -12.72
N ILE A 231 33.27 43.18 -13.92
CA ILE A 231 34.22 43.94 -14.73
C ILE A 231 33.50 44.66 -15.85
N GLN A 232 34.19 45.60 -16.50
CA GLN A 232 33.61 46.37 -17.60
C GLN A 232 34.37 46.12 -18.89
N ASP A 233 33.76 46.46 -20.03
CA ASP A 233 34.38 46.26 -21.35
C ASP A 233 35.77 46.82 -21.50
N GLY A 234 36.54 46.23 -22.40
CA GLY A 234 37.89 46.71 -22.64
C GLY A 234 39.02 46.21 -21.75
N ILE A 235 38.69 45.58 -20.64
CA ILE A 235 39.71 45.08 -19.71
C ILE A 235 40.74 44.22 -20.43
N GLN A 236 42.02 44.43 -20.14
CA GLN A 236 43.08 43.63 -20.76
C GLN A 236 43.87 42.81 -19.74
N ASP A 237 44.77 41.97 -20.25
CA ASP A 237 45.60 41.10 -19.43
C ASP A 237 46.24 41.84 -18.26
N GLU A 238 46.59 43.09 -18.50
CA GLU A 238 47.21 43.91 -17.46
C GLU A 238 46.38 43.91 -16.17
N LYS A 239 45.33 44.73 -16.17
CA LYS A 239 44.46 44.87 -15.02
C LYS A 239 43.78 43.58 -14.58
N TYR A 240 43.28 42.82 -15.55
CA TYR A 240 42.59 41.58 -15.23
C TYR A 240 43.35 40.72 -14.22
N TYR A 241 44.64 40.51 -14.46
CA TYR A 241 45.42 39.69 -13.55
C TYR A 241 45.50 40.36 -12.18
N GLN A 242 45.75 41.66 -12.17
CA GLN A 242 45.83 42.43 -10.93
C GLN A 242 44.58 42.14 -10.09
N ILE A 243 43.44 42.38 -10.72
CA ILE A 243 42.14 42.16 -10.12
C ILE A 243 41.96 40.73 -9.67
N CYS A 244 42.22 39.81 -10.57
CA CYS A 244 42.07 38.40 -10.28
C CYS A 244 43.03 37.89 -9.22
N GLU A 245 44.32 38.08 -9.43
CA GLU A 245 45.33 37.61 -8.49
C GLU A 245 45.13 38.23 -7.12
N SER A 246 44.46 39.37 -7.11
CA SER A 246 44.15 40.07 -5.86
C SER A 246 43.11 39.24 -5.09
N VAL A 247 41.95 39.06 -5.71
CA VAL A 247 40.84 38.30 -5.13
C VAL A 247 41.28 36.89 -4.76
N LEU A 248 41.88 36.18 -5.69
CA LEU A 248 42.33 34.82 -5.43
C LEU A 248 43.28 34.70 -4.25
N LYS A 249 43.97 35.79 -3.91
CA LYS A 249 44.89 35.77 -2.78
C LYS A 249 44.07 35.71 -1.50
N GLU A 250 43.12 36.63 -1.40
CA GLU A 250 42.23 36.72 -0.25
C GLU A 250 41.48 35.40 -0.11
N VAL A 251 40.78 35.02 -1.16
CA VAL A 251 40.01 33.79 -1.14
C VAL A 251 40.82 32.63 -0.62
N TYR A 252 42.05 32.52 -1.10
CA TYR A 252 42.90 31.42 -0.67
C TYR A 252 43.14 31.41 0.83
N GLN A 253 43.62 32.54 1.34
CA GLN A 253 43.91 32.71 2.76
C GLN A 253 42.71 32.37 3.63
N ALA A 254 41.61 33.05 3.35
CA ALA A 254 40.37 32.91 4.11
C ALA A 254 39.50 31.69 3.89
N PHE A 255 39.84 30.86 2.90
CA PHE A 255 39.05 29.69 2.57
C PHE A 255 39.86 28.41 2.78
N ASN A 256 41.11 28.43 2.36
CA ASN A 256 41.94 27.23 2.36
C ASN A 256 41.23 26.04 1.71
N PRO A 257 41.15 26.06 0.39
CA PRO A 257 40.45 25.01 -0.36
C PRO A 257 41.19 23.68 -0.29
N LYS A 258 40.53 22.60 -0.72
CA LYS A 258 41.16 21.28 -0.74
C LYS A 258 41.34 20.86 -2.20
N ALA A 259 40.46 21.37 -3.05
CA ALA A 259 40.47 21.08 -4.49
C ALA A 259 39.90 22.29 -5.22
N VAL A 260 40.11 22.35 -6.54
CA VAL A 260 39.63 23.47 -7.33
C VAL A 260 39.08 23.12 -8.69
N VAL A 261 37.91 23.69 -9.01
CA VAL A 261 37.28 23.52 -10.33
C VAL A 261 37.33 24.88 -11.01
N LEU A 262 38.15 24.97 -12.06
CA LEU A 262 38.36 26.20 -12.81
C LEU A 262 37.77 26.24 -14.23
N GLN A 263 36.78 27.11 -14.45
CA GLN A 263 36.15 27.22 -15.77
C GLN A 263 36.86 28.35 -16.53
N LEU A 264 37.33 28.02 -17.73
CA LEU A 264 38.07 29.00 -18.52
C LEU A 264 37.48 29.42 -19.86
N GLY A 265 36.15 29.61 -19.92
CA GLY A 265 35.52 30.03 -21.16
C GLY A 265 36.33 31.12 -21.83
N ALA A 266 36.65 30.91 -23.11
CA ALA A 266 37.43 31.87 -23.88
C ALA A 266 36.64 33.01 -24.53
N ASP A 267 35.40 33.19 -24.11
CA ASP A 267 34.59 34.26 -24.68
C ASP A 267 35.00 35.63 -24.10
N THR A 268 36.13 35.66 -23.42
CA THR A 268 36.63 36.90 -22.86
C THR A 268 37.77 37.40 -23.73
N ILE A 269 38.36 36.48 -24.49
CA ILE A 269 39.48 36.83 -25.36
C ILE A 269 39.08 37.77 -26.48
N ALA A 270 39.99 38.68 -26.82
CA ALA A 270 39.75 39.66 -27.87
C ALA A 270 39.36 38.95 -29.15
N GLY A 271 38.45 39.54 -29.91
CA GLY A 271 38.02 38.93 -31.16
C GLY A 271 36.79 38.06 -31.07
N ASP A 272 36.40 37.70 -29.84
CA ASP A 272 35.21 36.89 -29.68
C ASP A 272 34.02 37.76 -30.00
N PRO A 273 33.01 37.21 -30.70
CA PRO A 273 31.80 37.95 -31.08
C PRO A 273 31.26 38.76 -29.91
N MET A 274 31.33 38.19 -28.70
CA MET A 274 30.85 38.85 -27.50
C MET A 274 31.38 40.27 -27.32
N CYS A 275 32.44 40.62 -28.06
CA CYS A 275 33.02 41.95 -27.97
C CYS A 275 32.87 42.68 -26.66
N SER A 276 33.42 42.12 -25.58
CA SER A 276 33.33 42.79 -24.30
C SER A 276 34.71 43.02 -23.70
N PHE A 277 35.37 41.94 -23.29
CA PHE A 277 36.68 42.06 -22.72
C PHE A 277 37.68 42.11 -23.85
N ASN A 278 38.93 42.42 -23.52
CA ASN A 278 39.99 42.54 -24.50
C ASN A 278 41.21 41.77 -24.02
N MET A 279 40.95 40.54 -23.60
CA MET A 279 41.97 39.65 -23.05
C MET A 279 42.63 38.81 -24.12
N THR A 280 43.80 38.27 -23.78
CA THR A 280 44.54 37.38 -24.67
C THR A 280 44.88 36.16 -23.81
N PRO A 281 44.88 34.97 -24.40
CA PRO A 281 45.19 33.76 -23.64
C PRO A 281 46.39 33.86 -22.70
N VAL A 282 47.27 34.83 -22.93
CA VAL A 282 48.41 34.98 -22.04
C VAL A 282 47.98 35.43 -20.65
N GLY A 283 47.06 36.40 -20.60
CA GLY A 283 46.55 36.92 -19.35
C GLY A 283 45.86 35.81 -18.59
N ILE A 284 44.81 35.26 -19.18
CA ILE A 284 44.08 34.17 -18.56
C ILE A 284 45.10 33.18 -18.06
N GLY A 285 46.13 32.96 -18.87
CA GLY A 285 47.19 32.03 -18.50
C GLY A 285 47.81 32.34 -17.15
N LYS A 286 48.18 33.61 -16.93
CA LYS A 286 48.79 34.03 -15.66
C LYS A 286 47.90 33.69 -14.46
N CYS A 287 46.59 33.82 -14.65
CA CYS A 287 45.64 33.50 -13.59
C CYS A 287 45.70 32.00 -13.36
N LEU A 288 45.78 31.25 -14.45
CA LEU A 288 45.84 29.80 -14.39
C LEU A 288 47.07 29.39 -13.59
N LYS A 289 48.23 29.96 -13.97
CA LYS A 289 49.48 29.67 -13.29
C LYS A 289 49.35 29.94 -11.81
N TYR A 290 48.80 31.11 -11.47
CA TYR A 290 48.65 31.46 -10.06
C TYR A 290 47.85 30.41 -9.28
N ILE A 291 46.80 29.88 -9.88
CA ILE A 291 45.98 28.87 -9.21
C ILE A 291 46.75 27.57 -9.10
N LEU A 292 47.30 27.13 -10.23
CA LEU A 292 48.06 25.89 -10.28
C LEU A 292 49.14 25.82 -9.21
N GLN A 293 49.79 26.96 -8.97
CA GLN A 293 50.85 27.04 -7.98
C GLN A 293 50.41 26.54 -6.60
N TRP A 294 49.12 26.61 -6.29
CA TRP A 294 48.62 26.11 -5.00
C TRP A 294 48.74 24.58 -4.95
N GLN A 295 49.06 23.99 -6.10
CA GLN A 295 49.20 22.55 -6.19
C GLN A 295 48.15 21.68 -5.50
N LEU A 296 46.90 22.16 -5.49
CA LEU A 296 45.79 21.40 -4.93
C LEU A 296 45.26 20.61 -6.15
N ALA A 297 44.40 19.63 -5.93
CA ALA A 297 43.86 18.90 -7.09
C ALA A 297 43.03 19.95 -7.84
N THR A 298 43.18 19.99 -9.16
CA THR A 298 42.45 20.97 -9.95
C THR A 298 41.77 20.38 -11.17
N LEU A 299 40.50 20.73 -11.35
CA LEU A 299 39.71 20.26 -12.50
C LEU A 299 39.49 21.45 -13.45
N ILE A 300 40.06 21.35 -14.66
CA ILE A 300 39.93 22.43 -15.64
C ILE A 300 38.78 22.21 -16.61
N LEU A 301 38.06 23.30 -16.88
CA LEU A 301 36.92 23.29 -17.79
C LEU A 301 36.96 24.42 -18.81
N GLY A 302 36.29 24.17 -19.94
CA GLY A 302 36.21 25.14 -21.02
C GLY A 302 35.04 26.08 -20.86
N GLY A 303 34.06 26.01 -21.77
CA GLY A 303 32.90 26.89 -21.66
C GLY A 303 32.75 27.84 -22.84
N GLY A 304 32.41 29.10 -22.57
CA GLY A 304 32.26 30.08 -23.65
C GLY A 304 33.49 30.06 -24.55
N GLY A 305 33.34 30.59 -25.76
CA GLY A 305 34.43 30.60 -26.73
C GLY A 305 33.66 30.51 -28.02
N TYR A 306 33.71 31.56 -28.83
CA TYR A 306 32.86 31.54 -30.01
C TYR A 306 33.60 32.07 -31.23
N ASN A 307 34.83 32.51 -31.05
CA ASN A 307 35.69 32.90 -32.16
C ASN A 307 36.49 31.59 -32.13
N LEU A 308 35.95 30.56 -32.78
CA LEU A 308 36.57 29.23 -32.76
C LEU A 308 38.08 29.16 -32.88
N ALA A 309 38.63 29.69 -33.97
CA ALA A 309 40.08 29.69 -34.16
C ALA A 309 40.73 30.12 -32.85
N ASN A 310 40.41 31.33 -32.40
CA ASN A 310 40.92 31.86 -31.15
C ASN A 310 40.69 30.96 -29.95
N THR A 311 39.47 30.47 -29.77
CA THR A 311 39.20 29.60 -28.64
C THR A 311 40.20 28.46 -28.62
N ALA A 312 40.50 27.90 -29.78
CA ALA A 312 41.45 26.82 -29.88
C ALA A 312 42.84 27.30 -29.44
N ARG A 313 43.33 28.38 -30.04
CA ARG A 313 44.64 28.92 -29.68
C ARG A 313 44.71 29.11 -28.18
N CYS A 314 43.68 29.74 -27.63
CA CYS A 314 43.65 30.02 -26.21
C CYS A 314 43.80 28.77 -25.36
N TRP A 315 42.86 27.84 -25.50
CA TRP A 315 42.95 26.64 -24.69
C TRP A 315 44.20 25.82 -24.95
N THR A 316 44.72 25.85 -26.18
CA THR A 316 45.94 25.12 -26.48
C THR A 316 47.07 25.79 -25.71
N TYR A 317 47.13 27.11 -25.80
CA TYR A 317 48.17 27.83 -25.10
C TYR A 317 48.12 27.51 -23.62
N LEU A 318 46.92 27.49 -23.05
CA LEU A 318 46.73 27.19 -21.63
C LEU A 318 47.18 25.77 -21.31
N THR A 319 46.85 24.84 -22.20
CA THR A 319 47.27 23.47 -22.02
C THR A 319 48.81 23.48 -21.93
N GLY A 320 49.42 24.32 -22.77
CA GLY A 320 50.87 24.47 -22.75
C GLY A 320 51.28 24.89 -21.36
N VAL A 321 50.66 25.95 -20.85
CA VAL A 321 50.96 26.45 -19.52
C VAL A 321 50.86 25.33 -18.50
N ILE A 322 49.78 24.56 -18.56
CA ILE A 322 49.61 23.45 -17.63
C ILE A 322 50.76 22.44 -17.69
N LEU A 323 51.47 22.41 -18.81
CA LEU A 323 52.59 21.49 -18.95
C LEU A 323 53.90 22.23 -18.80
N GLY A 324 53.81 23.51 -18.45
CA GLY A 324 55.02 24.31 -18.30
C GLY A 324 55.80 24.31 -19.60
N LYS A 325 55.09 24.13 -20.71
CA LYS A 325 55.71 24.10 -22.03
C LYS A 325 55.51 25.43 -22.76
N THR A 326 56.49 25.76 -23.60
CA THR A 326 56.47 26.97 -24.40
C THR A 326 56.21 26.54 -25.85
N LEU A 327 55.09 27.02 -26.42
CA LEU A 327 54.74 26.67 -27.79
C LEU A 327 55.34 27.69 -28.76
N SER A 328 55.50 27.29 -30.01
CA SER A 328 56.05 28.19 -31.02
C SER A 328 54.89 28.93 -31.68
N SER A 329 55.16 30.14 -32.17
CA SER A 329 54.12 30.93 -32.82
C SER A 329 53.56 30.24 -34.05
N GLU A 330 54.43 29.69 -34.88
CA GLU A 330 54.02 29.01 -36.10
C GLU A 330 52.91 27.99 -35.82
N ILE A 331 51.72 28.23 -36.36
CA ILE A 331 50.63 27.29 -36.15
C ILE A 331 50.96 26.05 -36.96
N PRO A 332 51.16 24.91 -36.28
CA PRO A 332 51.47 23.63 -36.93
C PRO A 332 50.42 23.22 -37.92
N ASP A 333 50.83 22.82 -39.12
CA ASP A 333 49.87 22.39 -40.12
C ASP A 333 49.07 21.26 -39.49
N HIS A 334 47.75 21.29 -39.71
CA HIS A 334 46.88 20.25 -39.18
C HIS A 334 45.56 20.31 -39.90
N GLU A 335 44.63 19.45 -39.51
CA GLU A 335 43.32 19.37 -40.15
C GLU A 335 42.56 20.69 -40.38
N PHE A 336 42.76 21.69 -39.50
CA PHE A 336 42.07 22.97 -39.60
C PHE A 336 42.98 24.17 -39.86
N PHE A 337 44.22 23.90 -40.24
CA PHE A 337 45.20 24.95 -40.46
C PHE A 337 44.58 26.19 -41.10
N THR A 338 43.87 25.97 -42.20
CA THR A 338 43.22 27.04 -42.93
C THR A 338 42.51 28.07 -42.02
N ALA A 339 41.77 27.57 -41.04
CA ALA A 339 41.02 28.39 -40.10
C ALA A 339 41.77 29.49 -39.32
N TYR A 340 43.07 29.33 -39.13
CA TYR A 340 43.81 30.32 -38.37
C TYR A 340 44.37 31.44 -39.22
N GLY A 341 43.67 31.74 -40.31
CA GLY A 341 44.11 32.82 -41.18
C GLY A 341 44.04 34.16 -40.45
N PRO A 342 44.74 35.19 -40.93
CA PRO A 342 45.59 35.13 -42.11
C PRO A 342 47.08 35.12 -41.73
N ASP A 343 47.35 35.04 -40.43
CA ASP A 343 48.73 35.06 -39.96
C ASP A 343 49.24 33.75 -39.45
N TYR A 344 48.32 32.83 -39.19
CA TYR A 344 48.68 31.49 -38.72
C TYR A 344 49.71 31.47 -37.58
N VAL A 345 49.42 32.26 -36.55
CA VAL A 345 50.27 32.33 -35.37
C VAL A 345 49.41 32.05 -34.14
N LEU A 346 50.08 31.67 -33.04
CA LEU A 346 49.39 31.36 -31.81
C LEU A 346 48.91 32.59 -31.06
N GLU A 347 49.75 33.62 -30.98
CA GLU A 347 49.42 34.86 -30.30
C GLU A 347 48.14 35.54 -30.81
N ILE A 348 47.48 36.24 -29.89
CA ILE A 348 46.26 36.98 -30.18
C ILE A 348 46.55 38.42 -29.79
N THR A 349 46.09 39.35 -30.61
CA THR A 349 46.36 40.74 -30.31
C THR A 349 45.12 41.47 -29.89
N PRO A 350 45.18 42.12 -28.72
CA PRO A 350 44.06 42.88 -28.16
C PRO A 350 43.58 43.95 -29.14
N SER A 351 42.28 44.02 -29.36
CA SER A 351 41.73 45.01 -30.27
C SER A 351 41.99 46.42 -29.74
N CYS A 352 41.55 47.42 -30.49
CA CYS A 352 41.77 48.80 -30.08
C CYS A 352 40.50 49.52 -29.61
N ARG A 353 40.02 49.11 -28.44
CA ARG A 353 38.84 49.70 -27.80
C ARG A 353 39.32 50.18 -26.44
N PRO A 354 38.66 51.19 -25.88
CA PRO A 354 39.11 51.69 -24.57
C PRO A 354 38.71 50.76 -23.40
N ASP A 355 39.52 50.76 -22.36
CA ASP A 355 39.27 49.91 -21.19
C ASP A 355 38.42 50.64 -20.15
N ARG A 356 37.11 50.43 -20.23
CA ARG A 356 36.16 51.30 -19.54
C ARG A 356 36.16 51.05 -18.04
N ASN A 357 37.27 50.52 -17.53
CA ASN A 357 37.35 50.08 -16.14
C ASN A 357 37.98 51.13 -15.25
N GLU A 358 37.17 52.09 -14.81
CA GLU A 358 37.64 53.16 -13.93
C GLU A 358 38.31 52.58 -12.66
N PRO A 359 39.62 52.82 -12.48
CA PRO A 359 40.39 52.33 -11.32
C PRO A 359 39.89 52.67 -9.92
N HIS A 360 38.99 53.64 -9.80
CA HIS A 360 38.42 54.00 -8.50
C HIS A 360 37.44 52.89 -8.14
N ARG A 361 36.44 52.76 -9.01
CA ARG A 361 35.38 51.77 -8.86
C ARG A 361 35.93 50.38 -8.63
N ILE A 362 37.08 50.10 -9.23
CA ILE A 362 37.72 48.82 -9.09
C ILE A 362 38.24 48.61 -7.69
N GLN A 363 39.12 49.50 -7.23
CA GLN A 363 39.67 49.39 -5.88
C GLN A 363 38.53 49.34 -4.87
N GLN A 364 37.48 50.11 -5.16
CA GLN A 364 36.29 50.17 -4.33
C GLN A 364 35.74 48.75 -4.15
N ILE A 365 35.74 47.99 -5.25
CA ILE A 365 35.26 46.61 -5.28
C ILE A 365 36.19 45.65 -4.55
N LEU A 366 37.48 45.74 -4.83
CA LEU A 366 38.45 44.85 -4.19
C LEU A 366 38.49 45.01 -2.69
N ASN A 367 37.91 46.08 -2.18
CA ASN A 367 37.88 46.29 -0.74
C ASN A 367 36.62 45.63 -0.26
N TYR A 368 35.52 46.01 -0.91
CA TYR A 368 34.22 45.47 -0.59
C TYR A 368 34.38 43.96 -0.43
N ILE A 369 35.10 43.36 -1.37
CA ILE A 369 35.33 41.93 -1.37
C ILE A 369 36.18 41.46 -0.20
N LYS A 370 37.45 41.86 -0.15
CA LYS A 370 38.32 41.44 0.94
C LYS A 370 37.65 41.66 2.27
N GLY A 371 36.83 42.71 2.34
CA GLY A 371 36.10 43.03 3.54
C GLY A 371 35.14 41.90 3.89
N ASN A 372 34.43 41.41 2.87
CA ASN A 372 33.49 40.32 3.06
C ASN A 372 34.24 39.03 3.31
N LEU A 373 35.41 38.92 2.70
CA LEU A 373 36.21 37.73 2.89
C LEU A 373 36.80 37.73 4.29
N LYS A 374 36.56 38.82 5.03
CA LYS A 374 37.06 38.93 6.39
C LYS A 374 36.19 38.05 7.27
N HIS A 375 34.89 38.10 7.03
CA HIS A 375 33.94 37.31 7.80
C HIS A 375 34.22 35.84 7.63
N VAL A 376 34.48 35.46 6.40
CA VAL A 376 34.71 34.06 6.09
C VAL A 376 35.70 33.49 7.08
N VAL A 377 36.64 34.31 7.52
CA VAL A 377 37.65 33.87 8.48
C VAL A 377 36.93 33.63 9.80
N ILE A 378 36.23 34.68 10.22
CA ILE A 378 35.47 34.73 11.45
C ILE A 378 34.15 33.92 11.33
N SER B 13 -23.19 -44.89 38.97
CA SER B 13 -22.52 -46.19 38.65
C SER B 13 -21.18 -45.93 37.99
N LEU B 14 -20.62 -46.97 37.40
CA LEU B 14 -19.35 -46.87 36.69
C LEU B 14 -19.76 -46.87 35.22
N VAL B 15 -21.05 -47.11 34.99
CA VAL B 15 -21.64 -47.16 33.66
C VAL B 15 -21.93 -45.75 33.10
N PRO B 16 -21.47 -45.48 31.87
CA PRO B 16 -21.67 -44.20 31.19
C PRO B 16 -23.12 -43.91 30.84
N VAL B 17 -23.49 -42.64 30.89
CA VAL B 17 -24.83 -42.21 30.56
C VAL B 17 -24.84 -41.72 29.12
N TYR B 18 -25.68 -42.33 28.31
CA TYR B 18 -25.79 -42.00 26.90
C TYR B 18 -27.07 -41.22 26.57
N ILE B 19 -27.03 -39.90 26.66
CA ILE B 19 -28.22 -39.09 26.36
C ILE B 19 -28.73 -39.47 24.96
N TYR B 20 -29.95 -39.99 24.92
CA TYR B 20 -30.59 -40.41 23.67
C TYR B 20 -32.11 -40.48 23.79
N SER B 21 -32.78 -40.33 22.64
CA SER B 21 -34.23 -40.37 22.54
C SER B 21 -34.56 -40.26 21.06
N PRO B 22 -35.28 -41.24 20.50
CA PRO B 22 -35.62 -41.20 19.08
C PRO B 22 -36.18 -39.86 18.61
N GLU B 23 -36.90 -39.17 19.48
CA GLU B 23 -37.47 -37.86 19.16
C GLU B 23 -36.32 -36.91 18.93
N TYR B 24 -35.38 -36.92 19.87
CA TYR B 24 -34.19 -36.10 19.86
C TYR B 24 -33.32 -36.34 18.62
N VAL B 25 -33.07 -37.59 18.26
CA VAL B 25 -32.27 -37.88 17.08
C VAL B 25 -32.92 -37.29 15.85
N SER B 26 -34.24 -37.44 15.76
CA SER B 26 -34.98 -36.90 14.62
C SER B 26 -34.83 -35.38 14.58
N MET B 27 -34.96 -34.76 15.74
CA MET B 27 -34.82 -33.32 15.85
C MET B 27 -33.46 -32.87 15.31
N CYS B 28 -32.40 -33.51 15.74
CA CYS B 28 -31.04 -33.17 15.30
C CYS B 28 -30.81 -33.39 13.81
N ASP B 29 -31.56 -34.33 13.23
CA ASP B 29 -31.44 -34.64 11.81
C ASP B 29 -31.87 -33.48 10.93
N SER B 30 -32.83 -32.70 11.40
CA SER B 30 -33.34 -31.57 10.63
C SER B 30 -32.32 -30.46 10.40
N LEU B 31 -31.13 -30.55 10.98
CA LEU B 31 -30.16 -29.48 10.77
C LEU B 31 -29.59 -29.53 9.36
N ALA B 32 -29.70 -28.38 8.70
CA ALA B 32 -29.23 -28.20 7.33
C ALA B 32 -27.85 -28.80 7.03
N LYS B 33 -26.80 -28.12 7.46
CA LYS B 33 -25.44 -28.54 7.19
C LYS B 33 -25.09 -30.02 7.47
N ILE B 34 -25.82 -30.69 8.36
CA ILE B 34 -25.51 -32.09 8.66
C ILE B 34 -26.74 -33.00 8.75
N PRO B 35 -27.45 -33.19 7.63
CA PRO B 35 -28.65 -34.00 7.52
C PRO B 35 -28.45 -35.48 7.81
N LYS B 36 -29.33 -36.02 8.66
CA LYS B 36 -29.28 -37.43 9.01
C LYS B 36 -28.02 -37.84 9.79
N ARG B 37 -27.13 -36.89 10.09
CA ARG B 37 -25.91 -37.24 10.79
C ARG B 37 -26.16 -37.84 12.16
N ALA B 38 -27.00 -37.19 12.95
CA ALA B 38 -27.32 -37.67 14.29
C ALA B 38 -27.79 -39.12 14.26
N SER B 39 -28.65 -39.42 13.28
CA SER B 39 -29.19 -40.77 13.12
C SER B 39 -28.11 -41.76 12.75
N MET B 40 -27.28 -41.38 11.78
CA MET B 40 -26.19 -42.22 11.29
C MET B 40 -25.26 -42.66 12.42
N VAL B 41 -25.03 -41.74 13.35
CA VAL B 41 -24.16 -41.98 14.50
C VAL B 41 -24.82 -42.92 15.50
N HIS B 42 -26.03 -42.61 15.94
CA HIS B 42 -26.73 -43.48 16.88
C HIS B 42 -26.88 -44.87 16.26
N SER B 43 -27.26 -44.86 14.99
CA SER B 43 -27.46 -46.08 14.23
C SER B 43 -26.23 -46.97 14.28
N LEU B 44 -25.05 -46.40 14.10
CA LEU B 44 -23.80 -47.17 14.11
C LEU B 44 -23.37 -47.60 15.50
N ILE B 45 -23.65 -46.77 16.51
CA ILE B 45 -23.32 -47.09 17.90
C ILE B 45 -24.21 -48.24 18.34
N GLU B 46 -25.39 -48.28 17.73
CA GLU B 46 -26.37 -49.30 18.02
C GLU B 46 -25.98 -50.61 17.34
N ALA B 47 -25.46 -50.51 16.11
CA ALA B 47 -25.05 -51.67 15.34
C ALA B 47 -23.90 -52.40 16.01
N TYR B 48 -23.12 -51.70 16.80
CA TYR B 48 -22.04 -52.36 17.52
C TYR B 48 -22.60 -52.66 18.88
N ALA B 49 -23.91 -52.43 19.00
CA ALA B 49 -24.67 -52.64 20.22
C ALA B 49 -23.92 -52.24 21.47
N LEU B 50 -23.48 -50.99 21.49
CA LEU B 50 -22.73 -50.45 22.60
C LEU B 50 -23.72 -49.88 23.58
N HIS B 51 -24.85 -49.42 23.06
CA HIS B 51 -25.90 -48.83 23.88
C HIS B 51 -26.28 -49.78 25.01
N LYS B 52 -26.24 -51.07 24.71
CA LYS B 52 -26.58 -52.08 25.70
C LYS B 52 -25.67 -52.00 26.92
N GLN B 53 -24.45 -51.50 26.71
CA GLN B 53 -23.49 -51.35 27.79
C GLN B 53 -23.51 -49.96 28.42
N MET B 54 -24.55 -49.17 28.12
CA MET B 54 -24.66 -47.83 28.68
C MET B 54 -26.05 -47.58 29.27
N ARG B 55 -26.19 -46.44 29.94
CA ARG B 55 -27.45 -46.07 30.57
C ARG B 55 -28.10 -44.99 29.72
N ILE B 56 -29.16 -45.35 29.01
CA ILE B 56 -29.84 -44.38 28.15
C ILE B 56 -30.66 -43.38 28.97
N VAL B 57 -30.72 -42.14 28.52
CA VAL B 57 -31.44 -41.09 29.24
C VAL B 57 -32.13 -40.09 28.29
N LYS B 58 -33.39 -39.77 28.55
CA LYS B 58 -34.09 -38.84 27.69
C LYS B 58 -33.75 -37.40 28.00
N PRO B 59 -33.51 -36.60 26.95
CA PRO B 59 -33.16 -35.18 27.00
C PRO B 59 -34.29 -34.28 27.52
N LYS B 60 -34.04 -33.59 28.62
CA LYS B 60 -35.02 -32.68 29.20
C LYS B 60 -35.00 -31.33 28.51
N VAL B 61 -35.70 -31.24 27.38
CA VAL B 61 -35.67 -30.03 26.56
C VAL B 61 -35.46 -28.79 27.41
N ALA B 62 -34.40 -28.04 27.11
CA ALA B 62 -34.05 -26.85 27.88
C ALA B 62 -35.22 -25.88 27.97
N SER B 63 -35.47 -25.38 29.18
CA SER B 63 -36.55 -24.44 29.40
C SER B 63 -36.08 -23.09 28.92
N MET B 64 -37.02 -22.22 28.58
CA MET B 64 -36.68 -20.89 28.13
C MET B 64 -35.75 -20.24 29.15
N GLU B 65 -36.06 -20.45 30.42
CA GLU B 65 -35.30 -19.89 31.50
C GLU B 65 -33.90 -20.46 31.65
N GLU B 66 -33.73 -21.75 31.40
CA GLU B 66 -32.43 -22.38 31.51
C GLU B 66 -31.51 -21.85 30.41
N MET B 67 -32.02 -21.80 29.19
CA MET B 67 -31.24 -21.30 28.07
C MET B 67 -30.84 -19.87 28.32
N ALA B 68 -31.71 -19.14 29.01
CA ALA B 68 -31.46 -17.74 29.32
C ALA B 68 -30.38 -17.53 30.36
N THR B 69 -29.79 -18.61 30.87
CA THR B 69 -28.72 -18.49 31.85
C THR B 69 -27.43 -18.03 31.20
N PHE B 70 -27.44 -17.97 29.87
CA PHE B 70 -26.26 -17.53 29.13
C PHE B 70 -26.64 -16.67 27.94
N HIS B 71 -27.81 -16.91 27.38
CA HIS B 71 -28.24 -16.13 26.24
C HIS B 71 -29.21 -15.03 26.67
N THR B 72 -29.10 -13.87 26.02
CA THR B 72 -29.98 -12.74 26.34
C THR B 72 -31.41 -13.10 25.95
N ASP B 73 -32.38 -12.57 26.68
CA ASP B 73 -33.78 -12.86 26.38
C ASP B 73 -34.07 -12.35 24.97
N ALA B 74 -33.59 -11.15 24.68
CA ALA B 74 -33.79 -10.54 23.38
C ALA B 74 -33.44 -11.54 22.28
N TYR B 75 -32.31 -12.21 22.42
CA TYR B 75 -31.86 -13.19 21.43
C TYR B 75 -32.76 -14.43 21.37
N LEU B 76 -32.91 -15.12 22.51
CA LEU B 76 -33.73 -16.32 22.60
C LEU B 76 -35.11 -16.08 22.04
N GLN B 77 -35.63 -14.88 22.28
CA GLN B 77 -36.95 -14.52 21.80
C GLN B 77 -36.96 -14.36 20.29
N HIS B 78 -35.98 -13.62 19.76
CA HIS B 78 -35.89 -13.41 18.32
C HIS B 78 -35.67 -14.75 17.63
N LEU B 79 -34.87 -15.62 18.25
CA LEU B 79 -34.59 -16.93 17.70
C LEU B 79 -35.91 -17.68 17.66
N GLN B 80 -36.75 -17.41 18.64
CA GLN B 80 -38.05 -18.04 18.72
C GLN B 80 -38.93 -17.57 17.57
N LYS B 81 -39.13 -16.26 17.46
CA LYS B 81 -39.96 -15.70 16.40
C LYS B 81 -39.63 -16.41 15.10
N VAL B 82 -38.45 -16.11 14.57
CA VAL B 82 -37.99 -16.69 13.31
C VAL B 82 -38.27 -18.18 13.16
N SER B 83 -38.23 -18.91 14.27
CA SER B 83 -38.45 -20.35 14.22
C SER B 83 -39.78 -20.78 13.68
N GLN B 84 -40.85 -20.32 14.33
CA GLN B 84 -42.21 -20.69 13.94
C GLN B 84 -42.64 -20.15 12.58
N GLU B 85 -42.15 -18.98 12.23
CA GLU B 85 -42.46 -18.36 10.93
C GLU B 85 -41.71 -19.07 9.81
N GLY B 86 -40.42 -18.81 9.71
CA GLY B 86 -39.67 -19.09 8.50
C GLY B 86 -38.53 -18.12 8.28
N ASP B 87 -38.55 -17.01 9.02
CA ASP B 87 -37.62 -15.91 8.78
C ASP B 87 -38.09 -15.05 7.61
N ASP B 88 -39.00 -14.12 7.91
CA ASP B 88 -39.40 -13.11 6.93
C ASP B 88 -38.27 -12.11 6.67
N ASP B 89 -37.14 -12.63 6.21
CA ASP B 89 -35.94 -11.81 6.04
C ASP B 89 -35.94 -10.64 7.01
N HIS B 90 -35.62 -10.92 8.28
CA HIS B 90 -35.63 -9.89 9.30
C HIS B 90 -35.04 -8.54 9.00
N PRO B 91 -35.59 -7.53 9.68
CA PRO B 91 -35.10 -6.17 9.50
C PRO B 91 -33.76 -6.14 10.26
N ASP B 92 -33.67 -7.03 11.25
CA ASP B 92 -32.50 -7.13 12.12
C ASP B 92 -31.80 -8.48 12.20
N SER B 93 -32.29 -9.49 11.47
CA SER B 93 -31.66 -10.81 11.55
C SER B 93 -30.13 -10.82 11.53
N ILE B 94 -29.49 -9.79 10.99
CA ILE B 94 -28.03 -9.77 10.99
C ILE B 94 -27.50 -9.33 12.35
N GLU B 95 -28.38 -8.73 13.15
CA GLU B 95 -28.02 -8.26 14.47
C GLU B 95 -27.85 -9.48 15.38
N TYR B 96 -28.26 -10.65 14.89
CA TYR B 96 -28.13 -11.90 15.66
C TYR B 96 -27.53 -13.06 14.86
N GLY B 97 -26.52 -12.77 14.05
CA GLY B 97 -25.85 -13.82 13.29
C GLY B 97 -26.66 -14.64 12.31
N LEU B 98 -27.98 -14.69 12.46
CA LEU B 98 -28.77 -15.47 11.54
C LEU B 98 -28.49 -15.04 10.08
N GLY B 99 -28.15 -16.02 9.25
CA GLY B 99 -27.86 -15.71 7.87
C GLY B 99 -27.34 -16.89 7.06
N TYR B 100 -26.39 -16.61 6.19
CA TYR B 100 -25.79 -17.61 5.31
C TYR B 100 -25.13 -18.74 6.10
N ASP B 101 -24.23 -18.39 7.01
CA ASP B 101 -23.51 -19.37 7.83
C ASP B 101 -24.43 -19.91 8.94
N CYS B 102 -25.64 -19.35 9.02
CA CYS B 102 -26.64 -19.75 10.01
C CYS B 102 -28.06 -19.55 9.50
N PRO B 103 -28.50 -20.40 8.56
CA PRO B 103 -29.85 -20.29 8.00
C PRO B 103 -30.89 -20.22 9.12
N ALA B 104 -32.07 -19.70 8.79
CA ALA B 104 -33.13 -19.60 9.77
C ALA B 104 -34.26 -20.56 9.45
N THR B 105 -33.93 -21.83 9.25
CA THR B 105 -34.93 -22.85 8.93
C THR B 105 -36.07 -22.83 9.96
N GLU B 106 -37.11 -23.61 9.69
CA GLU B 106 -38.27 -23.64 10.57
C GLU B 106 -38.07 -24.59 11.73
N GLY B 107 -38.32 -24.07 12.93
CA GLY B 107 -38.20 -24.84 14.15
C GLY B 107 -36.81 -24.96 14.71
N ILE B 108 -35.93 -24.01 14.43
CA ILE B 108 -34.60 -24.10 14.97
C ILE B 108 -34.60 -23.69 16.43
N PHE B 109 -35.72 -23.18 16.92
CA PHE B 109 -35.74 -22.83 18.32
C PHE B 109 -35.84 -24.14 19.08
N ASP B 110 -36.82 -24.95 18.70
CA ASP B 110 -37.04 -26.24 19.35
C ASP B 110 -35.77 -27.07 19.18
N TYR B 111 -35.11 -26.87 18.05
CA TYR B 111 -33.85 -27.54 17.73
C TYR B 111 -32.85 -27.19 18.84
N ALA B 112 -32.60 -25.90 19.00
CA ALA B 112 -31.67 -25.41 20.01
C ALA B 112 -32.05 -26.00 21.34
N ALA B 113 -33.21 -25.61 21.83
CA ALA B 113 -33.72 -26.09 23.10
C ALA B 113 -33.55 -27.58 23.30
N ALA B 114 -33.79 -28.37 22.26
CA ALA B 114 -33.66 -29.82 22.35
C ALA B 114 -32.25 -30.21 22.74
N ILE B 115 -31.28 -29.65 22.03
CA ILE B 115 -29.87 -29.92 22.26
C ILE B 115 -29.37 -29.37 23.59
N GLY B 116 -29.55 -28.08 23.81
CA GLY B 116 -29.13 -27.45 25.04
C GLY B 116 -29.67 -28.20 26.22
N GLY B 117 -30.89 -28.71 26.11
CA GLY B 117 -31.48 -29.47 27.19
C GLY B 117 -30.72 -30.77 27.40
N ALA B 118 -30.49 -31.49 26.31
CA ALA B 118 -29.75 -32.73 26.37
C ALA B 118 -28.43 -32.56 27.12
N THR B 119 -27.62 -31.58 26.72
CA THR B 119 -26.33 -31.31 27.35
C THR B 119 -26.52 -30.98 28.83
N ILE B 120 -27.60 -30.25 29.14
CA ILE B 120 -27.90 -29.88 30.53
C ILE B 120 -28.26 -31.15 31.29
N THR B 121 -29.02 -32.03 30.65
CA THR B 121 -29.39 -33.30 31.27
C THR B 121 -28.11 -34.05 31.61
N ALA B 122 -27.24 -34.19 30.62
CA ALA B 122 -25.96 -34.87 30.78
C ALA B 122 -25.26 -34.36 32.03
N ALA B 123 -25.19 -33.05 32.14
CA ALA B 123 -24.54 -32.41 33.27
C ALA B 123 -25.26 -32.74 34.59
N GLN B 124 -26.58 -32.85 34.53
CA GLN B 124 -27.36 -33.17 35.72
C GLN B 124 -26.97 -34.52 36.23
N CYS B 125 -26.94 -35.49 35.33
CA CYS B 125 -26.59 -36.85 35.68
C CYS B 125 -25.21 -36.90 36.35
N LEU B 126 -24.27 -36.16 35.80
CA LEU B 126 -22.93 -36.11 36.35
C LEU B 126 -22.95 -35.58 37.77
N ILE B 127 -23.77 -34.55 37.97
CA ILE B 127 -23.94 -33.91 39.26
C ILE B 127 -24.53 -34.90 40.27
N ASP B 128 -25.61 -35.57 39.88
CA ASP B 128 -26.28 -36.53 40.73
C ASP B 128 -25.56 -37.86 40.93
N GLY B 129 -24.24 -37.87 40.75
CA GLY B 129 -23.47 -39.10 40.92
C GLY B 129 -23.95 -40.34 40.16
N MET B 130 -24.88 -40.13 39.23
CA MET B 130 -25.43 -41.22 38.45
C MET B 130 -24.41 -41.89 37.54
N CYS B 131 -23.31 -41.19 37.29
CA CYS B 131 -22.26 -41.70 36.42
C CYS B 131 -21.03 -40.82 36.48
N LYS B 132 -19.96 -41.29 35.86
CA LYS B 132 -18.72 -40.53 35.82
C LYS B 132 -18.57 -39.93 34.43
N VAL B 133 -19.31 -40.46 33.48
CA VAL B 133 -19.25 -39.97 32.10
C VAL B 133 -20.63 -39.90 31.43
N ALA B 134 -20.98 -38.72 30.93
CA ALA B 134 -22.26 -38.52 30.26
C ALA B 134 -21.98 -38.09 28.84
N ILE B 135 -22.68 -38.70 27.88
CA ILE B 135 -22.48 -38.40 26.46
C ILE B 135 -23.65 -37.77 25.73
N ASN B 136 -23.32 -36.84 24.83
CA ASN B 136 -24.30 -36.15 23.99
C ASN B 136 -23.56 -35.73 22.73
N TRP B 137 -23.49 -36.63 21.75
CA TRP B 137 -22.78 -36.33 20.52
C TRP B 137 -23.40 -35.21 19.69
N SER B 138 -24.66 -34.90 19.94
CA SER B 138 -25.32 -33.83 19.19
C SER B 138 -24.80 -32.47 19.62
N GLY B 139 -24.51 -32.35 20.92
CA GLY B 139 -24.01 -31.11 21.45
C GLY B 139 -22.62 -30.77 20.92
N GLY B 140 -22.02 -29.73 21.47
CA GLY B 140 -20.72 -29.30 21.05
C GLY B 140 -20.79 -28.03 20.23
N TRP B 141 -21.94 -27.35 20.27
CA TRP B 141 -22.14 -26.11 19.53
C TRP B 141 -21.38 -24.94 20.16
N HIS B 142 -20.05 -24.98 20.08
CA HIS B 142 -19.15 -24.00 20.69
C HIS B 142 -18.97 -22.57 20.19
N HIS B 143 -19.56 -22.21 19.04
CA HIS B 143 -19.40 -20.84 18.51
C HIS B 143 -20.44 -19.84 18.97
N ALA B 144 -21.65 -20.31 19.24
CA ALA B 144 -22.74 -19.46 19.67
C ALA B 144 -22.37 -18.46 20.76
N LYS B 145 -22.64 -17.18 20.49
CA LYS B 145 -22.36 -16.11 21.43
C LYS B 145 -23.57 -15.90 22.33
N LYS B 146 -23.38 -15.14 23.40
CA LYS B 146 -24.47 -14.89 24.34
C LYS B 146 -25.70 -14.30 23.68
N ASP B 147 -25.55 -13.79 22.46
CA ASP B 147 -26.68 -13.19 21.75
C ASP B 147 -26.36 -12.94 20.28
N GLU B 148 -26.18 -14.00 19.52
CA GLU B 148 -25.84 -13.91 18.11
C GLU B 148 -25.34 -15.28 17.67
N ALA B 149 -26.07 -15.94 16.78
CA ALA B 149 -25.63 -17.25 16.30
C ALA B 149 -24.26 -17.08 15.65
N SER B 150 -23.58 -18.19 15.41
CA SER B 150 -22.25 -18.14 14.80
C SER B 150 -21.86 -19.52 14.28
N GLY B 151 -21.39 -19.57 13.04
CA GLY B 151 -20.98 -20.84 12.45
C GLY B 151 -21.82 -22.04 12.82
N PHE B 152 -23.09 -22.00 12.43
CA PHE B 152 -24.05 -23.07 12.69
C PHE B 152 -24.32 -23.37 14.16
N CYS B 153 -24.03 -22.42 15.03
CA CYS B 153 -24.27 -22.59 16.46
C CYS B 153 -25.30 -21.57 16.92
N TYR B 154 -26.56 -21.99 17.02
CA TYR B 154 -27.63 -21.09 17.43
C TYR B 154 -27.79 -21.03 18.94
N LEU B 155 -27.27 -22.03 19.62
CA LEU B 155 -27.38 -22.09 21.07
C LEU B 155 -26.08 -22.72 21.54
N ASN B 156 -25.51 -22.23 22.63
CA ASN B 156 -24.27 -22.80 23.11
C ASN B 156 -24.48 -23.75 24.27
N ASP B 157 -24.82 -24.99 23.92
CA ASP B 157 -25.04 -26.01 24.94
C ASP B 157 -23.77 -26.24 25.75
N ALA B 158 -22.63 -26.15 25.08
CA ALA B 158 -21.34 -26.34 25.74
C ALA B 158 -21.30 -25.50 27.01
N VAL B 159 -21.59 -24.21 26.87
CA VAL B 159 -21.59 -23.29 28.00
C VAL B 159 -22.64 -23.67 29.02
N LEU B 160 -23.87 -23.86 28.57
CA LEU B 160 -24.96 -24.23 29.47
C LEU B 160 -24.59 -25.40 30.38
N GLY B 161 -24.01 -26.43 29.80
CA GLY B 161 -23.61 -27.58 30.60
C GLY B 161 -22.60 -27.19 31.66
N ILE B 162 -21.67 -26.32 31.29
CA ILE B 162 -20.65 -25.86 32.21
C ILE B 162 -21.30 -25.11 33.36
N LEU B 163 -22.28 -24.27 33.04
CA LEU B 163 -22.97 -23.52 34.08
C LEU B 163 -23.68 -24.47 35.04
N ARG B 164 -24.50 -25.35 34.48
CA ARG B 164 -25.25 -26.33 35.27
C ARG B 164 -24.30 -27.17 36.11
N LEU B 165 -23.14 -27.45 35.54
CA LEU B 165 -22.11 -28.25 36.20
C LEU B 165 -21.52 -27.51 37.40
N ARG B 166 -21.23 -26.22 37.21
CA ARG B 166 -20.61 -25.43 38.28
C ARG B 166 -21.45 -25.38 39.56
N ARG B 167 -22.66 -25.92 39.50
CA ARG B 167 -23.52 -25.94 40.67
C ARG B 167 -22.90 -26.83 41.74
N LYS B 168 -22.31 -27.93 41.32
CA LYS B 168 -21.69 -28.86 42.24
C LYS B 168 -20.18 -28.80 42.25
N PHE B 169 -19.59 -28.57 41.08
CA PHE B 169 -18.14 -28.54 40.96
C PHE B 169 -17.55 -27.14 40.92
N GLU B 170 -16.46 -26.94 41.67
CA GLU B 170 -15.78 -25.66 41.76
C GLU B 170 -15.05 -25.25 40.50
N ARG B 171 -13.96 -25.94 40.18
CA ARG B 171 -13.23 -25.62 38.96
C ARG B 171 -13.60 -26.62 37.87
N ILE B 172 -13.99 -26.09 36.71
CA ILE B 172 -14.38 -26.93 35.59
C ILE B 172 -13.49 -26.67 34.40
N LEU B 173 -13.07 -27.75 33.74
CA LEU B 173 -12.20 -27.65 32.57
C LEU B 173 -12.90 -27.99 31.27
N TYR B 174 -12.74 -27.10 30.30
CA TYR B 174 -13.35 -27.32 29.00
C TYR B 174 -12.25 -27.54 27.97
N VAL B 175 -12.18 -28.75 27.44
CA VAL B 175 -11.18 -29.09 26.44
C VAL B 175 -11.83 -29.19 25.07
N ASP B 176 -11.46 -28.31 24.16
CA ASP B 176 -12.04 -28.28 22.82
C ASP B 176 -11.12 -28.82 21.72
N LEU B 177 -11.45 -30.01 21.23
CA LEU B 177 -10.65 -30.63 20.19
C LEU B 177 -11.24 -30.53 18.80
N ASP B 178 -12.22 -29.66 18.64
CA ASP B 178 -12.83 -29.49 17.34
C ASP B 178 -11.77 -28.88 16.45
N LEU B 179 -11.99 -28.88 15.15
CA LEU B 179 -11.00 -28.30 14.25
C LEU B 179 -10.93 -26.82 14.53
N HIS B 180 -12.09 -26.20 14.69
CA HIS B 180 -12.16 -24.78 14.93
C HIS B 180 -11.93 -24.41 16.37
N HIS B 181 -11.53 -23.16 16.59
CA HIS B 181 -11.27 -22.64 17.93
C HIS B 181 -12.60 -22.43 18.62
N GLY B 182 -12.69 -22.83 19.89
CA GLY B 182 -13.93 -22.68 20.62
C GLY B 182 -14.09 -21.30 21.20
N ASP B 183 -14.27 -20.31 20.33
CA ASP B 183 -14.43 -18.92 20.73
C ASP B 183 -15.59 -18.67 21.68
N GLY B 184 -16.80 -18.97 21.22
CA GLY B 184 -17.98 -18.77 22.06
C GLY B 184 -17.84 -19.23 23.50
N VAL B 185 -17.45 -20.49 23.69
CA VAL B 185 -17.28 -21.04 25.03
C VAL B 185 -16.16 -20.31 25.77
N GLU B 186 -15.08 -20.01 25.05
CA GLU B 186 -13.94 -19.33 25.66
C GLU B 186 -14.31 -17.96 26.19
N ASP B 187 -15.02 -17.17 25.38
CA ASP B 187 -15.43 -15.84 25.78
C ASP B 187 -16.27 -15.89 27.03
N ALA B 188 -17.33 -16.68 26.99
CA ALA B 188 -18.21 -16.79 28.13
C ALA B 188 -17.42 -16.85 29.43
N PHE B 189 -16.33 -17.59 29.44
CA PHE B 189 -15.54 -17.71 30.66
C PHE B 189 -14.14 -17.10 30.57
N SER B 190 -13.98 -16.10 29.71
CA SER B 190 -12.67 -15.48 29.55
C SER B 190 -12.24 -14.68 30.75
N PHE B 191 -13.20 -14.13 31.49
CA PHE B 191 -12.87 -13.31 32.67
C PHE B 191 -12.89 -14.03 34.01
N THR B 192 -13.17 -15.31 34.03
CA THR B 192 -13.17 -16.02 35.31
C THR B 192 -12.06 -17.04 35.41
N SER B 193 -11.80 -17.51 36.63
CA SER B 193 -10.77 -18.49 36.88
C SER B 193 -11.42 -19.79 37.36
N LYS B 194 -12.75 -19.79 37.46
CA LYS B 194 -13.49 -20.96 37.90
C LYS B 194 -13.60 -21.99 36.77
N VAL B 195 -13.45 -21.49 35.54
CA VAL B 195 -13.53 -22.35 34.36
C VAL B 195 -12.35 -22.11 33.43
N MET B 196 -11.65 -23.19 33.10
CA MET B 196 -10.52 -23.08 32.20
C MET B 196 -10.86 -23.70 30.86
N THR B 197 -10.50 -23.00 29.79
CA THR B 197 -10.77 -23.50 28.45
C THR B 197 -9.51 -23.82 27.65
N VAL B 198 -9.38 -25.05 27.20
CA VAL B 198 -8.22 -25.48 26.41
C VAL B 198 -8.71 -25.79 25.02
N SER B 199 -8.11 -25.18 24.01
CA SER B 199 -8.55 -25.39 22.64
C SER B 199 -7.47 -25.68 21.62
N LEU B 200 -7.53 -26.85 20.99
CA LEU B 200 -6.59 -27.20 19.93
C LEU B 200 -7.37 -26.94 18.67
N HIS B 201 -6.74 -26.29 17.70
CA HIS B 201 -7.45 -25.95 16.48
C HIS B 201 -6.53 -25.38 15.41
N LYS B 202 -6.98 -25.42 14.16
CA LYS B 202 -6.21 -24.85 13.09
C LYS B 202 -6.35 -23.35 13.20
N PHE B 203 -5.22 -22.66 13.25
CA PHE B 203 -5.23 -21.20 13.30
C PHE B 203 -4.48 -20.67 12.09
N SER B 204 -5.20 -19.99 11.22
CA SER B 204 -4.59 -19.44 10.01
C SER B 204 -5.41 -18.28 9.46
N PRO B 205 -4.80 -17.46 8.57
CA PRO B 205 -5.44 -16.31 7.94
C PRO B 205 -6.65 -16.71 7.13
N GLY B 206 -7.81 -16.20 7.53
CA GLY B 206 -9.05 -16.51 6.83
C GLY B 206 -9.80 -17.68 7.43
N PHE B 207 -9.08 -18.58 8.11
CA PHE B 207 -9.72 -19.72 8.71
C PHE B 207 -10.55 -19.27 9.89
N PHE B 208 -11.85 -19.54 9.82
CA PHE B 208 -12.84 -19.17 10.84
C PHE B 208 -12.66 -19.90 12.16
N PRO B 209 -12.89 -19.21 13.30
CA PRO B 209 -13.30 -17.81 13.46
C PRO B 209 -12.08 -16.87 13.35
N GLY B 210 -10.91 -17.48 13.18
CA GLY B 210 -9.68 -16.73 13.06
C GLY B 210 -9.26 -16.11 14.36
N THR B 211 -9.91 -16.52 15.45
CA THR B 211 -9.56 -16.04 16.77
C THR B 211 -8.71 -17.05 17.54
N GLY B 212 -8.27 -16.67 18.73
CA GLY B 212 -7.51 -17.56 19.59
C GLY B 212 -6.19 -17.97 18.97
N ASP B 213 -5.27 -17.01 18.86
CA ASP B 213 -3.85 -17.33 18.80
C ASP B 213 -3.39 -18.05 20.07
N VAL B 214 -2.08 -18.11 20.27
CA VAL B 214 -1.52 -18.71 21.46
C VAL B 214 -1.29 -17.60 22.49
N SER B 215 -1.30 -16.36 22.00
CA SER B 215 -1.12 -15.18 22.84
C SER B 215 -2.43 -14.87 23.51
N ASP B 216 -3.47 -15.59 23.11
CA ASP B 216 -4.80 -15.44 23.70
C ASP B 216 -4.75 -16.21 25.03
N VAL B 217 -4.96 -15.49 26.14
CA VAL B 217 -4.89 -16.08 27.47
C VAL B 217 -6.06 -15.81 28.43
N GLY B 218 -6.86 -14.79 28.14
CA GLY B 218 -7.97 -14.47 29.01
C GLY B 218 -7.78 -13.05 29.55
N LEU B 219 -8.79 -12.53 30.22
CA LEU B 219 -8.72 -11.17 30.74
C LEU B 219 -9.01 -11.08 32.23
N GLY B 220 -8.50 -10.04 32.86
CA GLY B 220 -8.72 -9.83 34.28
C GLY B 220 -8.27 -11.03 35.09
N LYS B 221 -9.14 -11.49 35.98
CA LYS B 221 -8.84 -12.64 36.83
C LYS B 221 -9.10 -13.92 36.04
N GLY B 222 -9.25 -13.78 34.74
CA GLY B 222 -9.49 -14.92 33.87
C GLY B 222 -8.30 -15.02 32.93
N ARG B 223 -7.30 -14.20 33.24
CA ARG B 223 -6.05 -14.15 32.49
C ARG B 223 -5.33 -15.45 32.78
N TYR B 224 -4.78 -16.05 31.72
CA TYR B 224 -4.08 -17.33 31.82
C TYR B 224 -5.06 -18.46 32.13
N TYR B 225 -6.35 -18.21 31.96
CA TYR B 225 -7.33 -19.24 32.21
C TYR B 225 -8.03 -19.62 30.94
N SER B 226 -7.35 -19.31 29.85
CA SER B 226 -7.80 -19.60 28.50
C SER B 226 -6.51 -19.99 27.78
N VAL B 227 -6.37 -21.26 27.43
CA VAL B 227 -5.20 -21.73 26.72
C VAL B 227 -5.58 -22.15 25.30
N ASN B 228 -4.83 -21.64 24.31
CA ASN B 228 -5.08 -21.95 22.91
C ASN B 228 -3.84 -22.45 22.19
N VAL B 229 -3.94 -23.63 21.60
CA VAL B 229 -2.82 -24.23 20.87
C VAL B 229 -3.09 -24.21 19.37
N PRO B 230 -2.54 -23.21 18.65
CA PRO B 230 -2.75 -23.10 17.20
C PRO B 230 -1.96 -24.14 16.42
N ILE B 231 -2.65 -25.03 15.73
CA ILE B 231 -2.00 -26.07 14.95
C ILE B 231 -2.10 -25.72 13.47
N GLN B 232 -1.30 -26.40 12.65
CA GLN B 232 -1.30 -26.19 11.21
C GLN B 232 -1.76 -27.44 10.45
N ASP B 233 -2.14 -27.26 9.18
CA ASP B 233 -2.62 -28.36 8.36
C ASP B 233 -1.70 -29.59 8.31
N GLY B 234 -2.30 -30.74 8.06
CA GLY B 234 -1.55 -31.97 7.95
C GLY B 234 -1.21 -32.72 9.22
N ILE B 235 -1.41 -32.10 10.38
CA ILE B 235 -1.12 -32.75 11.67
C ILE B 235 -1.76 -34.13 11.77
N GLN B 236 -1.02 -35.12 12.26
CA GLN B 236 -1.58 -36.47 12.38
C GLN B 236 -1.59 -36.93 13.83
N ASP B 237 -2.20 -38.11 14.06
CA ASP B 237 -2.33 -38.70 15.39
C ASP B 237 -1.01 -38.68 16.16
N GLU B 238 0.08 -38.86 15.43
CA GLU B 238 1.39 -38.86 16.05
C GLU B 238 1.64 -37.61 16.90
N LYS B 239 1.95 -36.51 16.23
CA LYS B 239 2.24 -35.23 16.90
C LYS B 239 1.09 -34.70 17.73
N TYR B 240 -0.12 -34.75 17.17
CA TYR B 240 -1.29 -34.23 17.86
C TYR B 240 -1.34 -34.69 19.32
N TYR B 241 -1.18 -35.99 19.56
CA TYR B 241 -1.23 -36.49 20.91
C TYR B 241 -0.10 -35.89 21.75
N GLN B 242 1.09 -35.88 21.16
CA GLN B 242 2.26 -35.33 21.84
C GLN B 242 1.91 -33.94 22.35
N ILE B 243 1.47 -33.10 21.42
CA ILE B 243 1.08 -31.73 21.69
C ILE B 243 -0.02 -31.67 22.72
N CYS B 244 -1.07 -32.43 22.50
CA CYS B 244 -2.21 -32.44 23.40
C CYS B 244 -1.87 -32.98 24.78
N GLU B 245 -1.36 -34.20 24.84
CA GLU B 245 -1.04 -34.80 26.12
C GLU B 245 -0.04 -33.97 26.90
N SER B 246 0.70 -33.14 26.18
CA SER B 246 1.69 -32.26 26.78
C SER B 246 0.94 -31.16 27.56
N VAL B 247 0.14 -30.39 26.84
CA VAL B 247 -0.66 -29.32 27.41
C VAL B 247 -1.56 -29.83 28.52
N LEU B 248 -2.32 -30.88 28.26
CA LEU B 248 -3.22 -31.42 29.28
C LEU B 248 -2.52 -31.84 30.56
N LYS B 249 -1.23 -32.12 30.48
CA LYS B 249 -0.47 -32.53 31.65
C LYS B 249 -0.29 -31.30 32.54
N GLU B 250 0.20 -30.23 31.91
CA GLU B 250 0.42 -28.96 32.59
C GLU B 250 -0.89 -28.46 33.17
N VAL B 251 -1.88 -28.31 32.31
CA VAL B 251 -3.20 -27.84 32.73
C VAL B 251 -3.70 -28.59 33.95
N TYR B 252 -3.55 -29.91 33.94
CA TYR B 252 -4.02 -30.71 35.06
C TYR B 252 -3.33 -30.34 36.35
N GLN B 253 -2.01 -30.37 36.34
CA GLN B 253 -1.20 -30.04 37.52
C GLN B 253 -1.56 -28.69 38.09
N ALA B 254 -1.47 -27.67 37.23
CA ALA B 254 -1.72 -26.28 37.61
C ALA B 254 -3.15 -25.81 37.82
N PHE B 255 -4.13 -26.66 37.51
CA PHE B 255 -5.53 -26.28 37.60
C PHE B 255 -6.27 -27.16 38.61
N ASN B 256 -5.98 -28.45 38.58
CA ASN B 256 -6.71 -29.43 39.39
C ASN B 256 -8.22 -29.27 39.25
N PRO B 257 -8.75 -29.72 38.11
CA PRO B 257 -10.18 -29.59 37.83
C PRO B 257 -11.03 -30.48 38.74
N LYS B 258 -12.33 -30.25 38.76
CA LYS B 258 -13.25 -31.06 39.55
C LYS B 258 -14.14 -31.86 38.60
N ALA B 259 -14.34 -31.31 37.41
CA ALA B 259 -15.16 -31.92 36.37
C ALA B 259 -14.62 -31.48 35.02
N VAL B 260 -15.02 -32.17 33.95
CA VAL B 260 -14.55 -31.83 32.62
C VAL B 260 -15.58 -31.94 31.51
N VAL B 261 -15.62 -30.91 30.66
CA VAL B 261 -16.52 -30.89 29.51
C VAL B 261 -15.60 -30.95 28.27
N LEU B 262 -15.67 -32.08 27.56
CA LEU B 262 -14.84 -32.34 26.37
C LEU B 262 -15.60 -32.37 25.04
N GLN B 263 -15.30 -31.41 24.17
CA GLN B 263 -15.94 -31.32 22.86
C GLN B 263 -15.06 -32.06 21.85
N LEU B 264 -15.64 -33.01 21.13
CA LEU B 264 -14.86 -33.78 20.19
C LEU B 264 -15.25 -33.69 18.71
N GLY B 265 -15.56 -32.49 18.23
CA GLY B 265 -15.91 -32.33 16.84
C GLY B 265 -14.98 -33.12 15.93
N ALA B 266 -15.55 -33.93 15.05
CA ALA B 266 -14.77 -34.78 14.13
C ALA B 266 -14.35 -34.11 12.84
N ASP B 267 -14.46 -32.80 12.78
CA ASP B 267 -14.06 -32.10 11.59
C ASP B 267 -12.53 -31.99 11.49
N THR B 268 -11.84 -32.76 12.33
CA THR B 268 -10.38 -32.74 12.31
C THR B 268 -9.92 -34.02 11.64
N ILE B 269 -10.78 -35.02 11.63
CA ILE B 269 -10.44 -36.31 11.02
C ILE B 269 -10.22 -36.21 9.50
N ALA B 270 -9.27 -37.00 9.01
CA ALA B 270 -8.95 -37.02 7.60
C ALA B 270 -10.19 -37.28 6.78
N GLY B 271 -10.30 -36.63 5.62
CA GLY B 271 -11.46 -36.86 4.78
C GLY B 271 -12.59 -35.87 4.97
N ASP B 272 -12.54 -35.12 6.06
CA ASP B 272 -13.59 -34.14 6.29
C ASP B 272 -13.39 -33.03 5.26
N PRO B 273 -14.50 -32.48 4.71
CA PRO B 273 -14.44 -31.40 3.72
C PRO B 273 -13.48 -30.31 4.14
N MET B 274 -13.46 -30.00 5.44
CA MET B 274 -12.58 -28.98 5.99
C MET B 274 -11.12 -29.13 5.56
N CYS B 275 -10.74 -30.30 5.07
CA CYS B 275 -9.38 -30.56 4.62
C CYS B 275 -8.29 -29.78 5.32
N SER B 276 -8.14 -29.95 6.63
CA SER B 276 -7.10 -29.24 7.35
C SER B 276 -6.19 -30.20 8.09
N PHE B 277 -6.71 -30.83 9.12
CA PHE B 277 -5.91 -31.77 9.88
C PHE B 277 -5.98 -33.10 9.19
N ASN B 278 -5.16 -34.03 9.63
CA ASN B 278 -5.08 -35.35 9.02
C ASN B 278 -5.11 -36.39 10.13
N MET B 279 -6.09 -36.24 11.01
CA MET B 279 -6.27 -37.10 12.16
C MET B 279 -7.17 -38.28 11.87
N THR B 280 -7.07 -39.31 12.71
CA THR B 280 -7.93 -40.48 12.62
C THR B 280 -8.51 -40.68 14.02
N PRO B 281 -9.77 -41.12 14.12
CA PRO B 281 -10.38 -41.33 15.44
C PRO B 281 -9.50 -42.03 16.46
N VAL B 282 -8.46 -42.72 16.03
CA VAL B 282 -7.59 -43.38 16.99
C VAL B 282 -6.79 -42.39 17.81
N GLY B 283 -6.29 -41.36 17.13
CA GLY B 283 -5.51 -40.31 17.77
C GLY B 283 -6.37 -39.57 18.77
N ILE B 284 -7.46 -38.97 18.28
CA ILE B 284 -8.39 -38.26 19.14
C ILE B 284 -8.69 -39.18 20.31
N GLY B 285 -8.85 -40.47 20.02
CA GLY B 285 -9.11 -41.45 21.05
C GLY B 285 -8.08 -41.43 22.17
N LYS B 286 -6.79 -41.43 21.82
CA LYS B 286 -5.72 -41.40 22.82
C LYS B 286 -5.83 -40.20 23.75
N CYS B 287 -6.27 -39.06 23.20
CA CYS B 287 -6.45 -37.85 23.99
C CYS B 287 -7.61 -38.09 24.95
N LEU B 288 -8.65 -38.73 24.45
CA LEU B 288 -9.84 -39.03 25.24
C LEU B 288 -9.43 -39.90 26.42
N LYS B 289 -8.71 -40.99 26.13
CA LYS B 289 -8.25 -41.91 27.15
C LYS B 289 -7.46 -41.15 28.20
N TYR B 290 -6.53 -40.31 27.78
CA TYR B 290 -5.73 -39.56 28.72
C TYR B 290 -6.58 -38.72 29.68
N ILE B 291 -7.64 -38.12 29.16
CA ILE B 291 -8.52 -37.31 30.02
C ILE B 291 -9.31 -38.22 30.94
N LEU B 292 -9.93 -39.23 30.37
CA LEU B 292 -10.73 -40.16 31.14
C LEU B 292 -9.98 -40.72 32.33
N GLN B 293 -8.71 -41.00 32.13
CA GLN B 293 -7.89 -41.55 33.19
C GLN B 293 -7.91 -40.70 34.48
N TRP B 294 -8.17 -39.40 34.36
CA TRP B 294 -8.26 -38.55 35.55
C TRP B 294 -9.49 -38.93 36.38
N GLN B 295 -10.35 -39.76 35.81
CA GLN B 295 -11.55 -40.20 36.48
C GLN B 295 -12.38 -39.14 37.19
N LEU B 296 -12.40 -37.92 36.65
CA LEU B 296 -13.21 -36.84 37.21
C LEU B 296 -14.54 -36.99 36.46
N ALA B 297 -15.60 -36.32 36.90
CA ALA B 297 -16.86 -36.42 36.16
C ALA B 297 -16.57 -35.77 34.81
N THR B 298 -16.99 -36.41 33.73
CA THR B 298 -16.73 -35.89 32.39
C THR B 298 -17.95 -35.85 31.49
N LEU B 299 -18.18 -34.71 30.84
CA LEU B 299 -19.31 -34.55 29.92
C LEU B 299 -18.76 -34.50 28.50
N ILE B 300 -19.10 -35.50 27.68
CA ILE B 300 -18.62 -35.57 26.31
C ILE B 300 -19.57 -34.94 25.33
N LEU B 301 -19.00 -34.20 24.38
CA LEU B 301 -19.77 -33.53 23.34
C LEU B 301 -19.22 -33.76 21.92
N GLY B 302 -20.13 -33.65 20.94
CA GLY B 302 -19.77 -33.81 19.55
C GLY B 302 -19.33 -32.50 18.92
N GLY B 303 -20.08 -32.00 17.95
CA GLY B 303 -19.69 -30.75 17.29
C GLY B 303 -19.42 -30.91 15.79
N GLY B 304 -18.36 -30.26 15.29
CA GLY B 304 -18.03 -30.38 13.88
C GLY B 304 -17.96 -31.84 13.46
N GLY B 305 -18.05 -32.09 12.16
CA GLY B 305 -18.03 -33.45 11.61
C GLY B 305 -18.90 -33.28 10.38
N TYR B 306 -18.37 -33.49 9.17
CA TYR B 306 -19.14 -33.15 7.99
C TYR B 306 -18.95 -34.18 6.88
N ASN B 307 -18.02 -35.10 7.16
CA ASN B 307 -17.81 -36.28 6.33
C ASN B 307 -18.63 -37.23 7.21
N LEU B 308 -19.95 -37.18 7.06
CA LEU B 308 -20.86 -37.97 7.88
C LEU B 308 -20.44 -39.39 8.19
N ALA B 309 -20.25 -40.22 7.18
CA ALA B 309 -19.80 -41.61 7.39
C ALA B 309 -18.69 -41.61 8.44
N ASN B 310 -17.61 -40.89 8.13
CA ASN B 310 -16.47 -40.77 9.02
C ASN B 310 -16.82 -40.27 10.41
N THR B 311 -17.61 -39.20 10.49
CA THR B 311 -17.99 -38.67 11.79
C THR B 311 -18.59 -39.78 12.63
N ALA B 312 -19.44 -40.58 12.01
CA ALA B 312 -20.05 -41.70 12.71
C ALA B 312 -18.98 -42.68 13.20
N ARG B 313 -18.14 -43.17 12.30
CA ARG B 313 -17.07 -44.11 12.68
C ARG B 313 -16.28 -43.55 13.85
N CYS B 314 -15.88 -42.29 13.72
CA CYS B 314 -15.10 -41.65 14.75
C CYS B 314 -15.78 -41.70 16.11
N TRP B 315 -16.95 -41.08 16.21
CA TRP B 315 -17.62 -41.06 17.48
C TRP B 315 -17.98 -42.45 18.00
N THR B 316 -18.26 -43.37 17.09
CA THR B 316 -18.59 -44.72 17.54
C THR B 316 -17.33 -45.32 18.13
N TYR B 317 -16.21 -45.17 17.43
CA TYR B 317 -14.96 -45.70 17.92
C TYR B 317 -14.67 -45.14 19.31
N LEU B 318 -14.86 -43.84 19.48
CA LEU B 318 -14.61 -43.16 20.75
C LEU B 318 -15.52 -43.73 21.83
N THR B 319 -16.79 -43.93 21.47
CA THR B 319 -17.75 -44.50 22.42
C THR B 319 -17.17 -45.83 22.86
N GLY B 320 -16.57 -46.55 21.93
CA GLY B 320 -15.96 -47.82 22.25
C GLY B 320 -14.90 -47.57 23.30
N VAL B 321 -14.01 -46.61 23.02
CA VAL B 321 -12.95 -46.27 23.96
C VAL B 321 -13.52 -46.00 25.34
N ILE B 322 -14.57 -45.19 25.40
CA ILE B 322 -15.19 -44.88 26.68
C ILE B 322 -15.66 -46.12 27.41
N LEU B 323 -15.90 -47.20 26.68
CA LEU B 323 -16.34 -48.44 27.31
C LEU B 323 -15.19 -49.42 27.40
N GLY B 324 -14.00 -48.98 27.03
CA GLY B 324 -12.85 -49.86 27.07
C GLY B 324 -13.09 -51.08 26.22
N LYS B 325 -13.93 -50.91 25.19
CA LYS B 325 -14.27 -52.00 24.26
C LYS B 325 -13.51 -51.86 22.96
N THR B 326 -13.23 -53.02 22.35
CA THR B 326 -12.52 -53.07 21.08
C THR B 326 -13.55 -53.47 20.03
N LEU B 327 -13.77 -52.61 19.03
CA LEU B 327 -14.73 -52.89 17.97
C LEU B 327 -14.04 -53.62 16.81
N SER B 328 -14.82 -54.32 16.01
CA SER B 328 -14.27 -55.04 14.87
C SER B 328 -14.32 -54.12 13.66
N SER B 329 -13.40 -54.33 12.72
CA SER B 329 -13.34 -53.49 11.52
C SER B 329 -14.61 -53.60 10.68
N GLU B 330 -15.10 -54.82 10.50
CA GLU B 330 -16.30 -55.03 9.72
C GLU B 330 -17.42 -54.13 10.18
N ILE B 331 -17.84 -53.22 9.31
CA ILE B 331 -18.96 -52.34 9.67
C ILE B 331 -20.22 -53.19 9.70
N PRO B 332 -20.86 -53.32 10.87
CA PRO B 332 -22.08 -54.09 11.04
C PRO B 332 -23.20 -53.60 10.15
N ASP B 333 -23.88 -54.51 9.47
CA ASP B 333 -24.97 -54.12 8.60
C ASP B 333 -25.95 -53.35 9.47
N HIS B 334 -26.46 -52.23 8.95
CA HIS B 334 -27.44 -51.45 9.67
C HIS B 334 -28.14 -50.53 8.69
N GLU B 335 -29.03 -49.70 9.20
CA GLU B 335 -29.81 -48.78 8.37
C GLU B 335 -29.05 -47.93 7.34
N PHE B 336 -27.79 -47.60 7.63
CA PHE B 336 -26.99 -46.77 6.72
C PHE B 336 -25.76 -47.47 6.15
N PHE B 337 -25.70 -48.79 6.28
CA PHE B 337 -24.54 -49.57 5.82
C PHE B 337 -23.96 -49.04 4.52
N THR B 338 -24.82 -48.87 3.53
CA THR B 338 -24.45 -48.37 2.22
C THR B 338 -23.46 -47.19 2.30
N ALA B 339 -23.75 -46.23 3.18
CA ALA B 339 -22.94 -45.02 3.37
C ALA B 339 -21.45 -45.19 3.66
N TYR B 340 -21.04 -46.32 4.23
CA TYR B 340 -19.64 -46.51 4.55
C TYR B 340 -18.83 -47.14 3.45
N GLY B 341 -19.25 -46.88 2.21
CA GLY B 341 -18.53 -47.42 1.07
C GLY B 341 -17.14 -46.82 0.99
N PRO B 342 -16.21 -47.45 0.26
CA PRO B 342 -16.44 -48.70 -0.48
C PRO B 342 -15.78 -49.87 0.23
N ASP B 343 -15.23 -49.62 1.41
CA ASP B 343 -14.54 -50.67 2.15
C ASP B 343 -15.29 -51.17 3.38
N TYR B 344 -16.28 -50.41 3.80
CA TYR B 344 -17.09 -50.80 4.93
C TYR B 344 -16.29 -51.28 6.15
N VAL B 345 -15.32 -50.48 6.56
CA VAL B 345 -14.50 -50.77 7.72
C VAL B 345 -14.53 -49.57 8.66
N LEU B 346 -14.17 -49.81 9.91
CA LEU B 346 -14.19 -48.76 10.91
C LEU B 346 -13.02 -47.81 10.79
N GLU B 347 -11.83 -48.37 10.58
CA GLU B 347 -10.63 -47.54 10.46
C GLU B 347 -10.71 -46.47 9.39
N ILE B 348 -9.98 -45.39 9.63
CA ILE B 348 -9.89 -44.28 8.69
C ILE B 348 -8.42 -44.11 8.36
N THR B 349 -8.10 -43.85 7.10
CA THR B 349 -6.71 -43.70 6.73
C THR B 349 -6.34 -42.27 6.40
N PRO B 350 -5.31 -41.75 7.07
CA PRO B 350 -4.83 -40.39 6.87
C PRO B 350 -4.48 -40.15 5.41
N SER B 351 -4.96 -39.05 4.85
CA SER B 351 -4.67 -38.72 3.47
C SER B 351 -3.18 -38.48 3.27
N CYS B 352 -2.77 -38.21 2.04
CA CYS B 352 -1.36 -37.99 1.75
C CYS B 352 -1.01 -36.53 1.45
N ARG B 353 -1.04 -35.71 2.49
CA ARG B 353 -0.72 -34.29 2.43
C ARG B 353 0.41 -34.10 3.45
N PRO B 354 1.26 -33.10 3.26
CA PRO B 354 2.36 -32.89 4.21
C PRO B 354 1.89 -32.24 5.52
N ASP B 355 2.60 -32.55 6.60
CA ASP B 355 2.23 -32.04 7.92
C ASP B 355 2.95 -30.73 8.22
N ARG B 356 2.30 -29.61 7.92
CA ARG B 356 2.99 -28.33 7.80
C ARG B 356 3.38 -27.79 9.17
N ASN B 357 3.51 -28.69 10.14
CA ASN B 357 3.73 -28.29 11.53
C ASN B 357 5.20 -28.32 11.91
N GLU B 358 5.91 -27.24 11.60
CA GLU B 358 7.34 -27.14 11.91
C GLU B 358 7.58 -27.35 13.42
N PRO B 359 8.32 -28.41 13.81
CA PRO B 359 8.64 -28.74 15.20
C PRO B 359 9.31 -27.67 16.07
N HIS B 360 9.87 -26.63 15.45
CA HIS B 360 10.47 -25.55 16.22
C HIS B 360 9.34 -24.72 16.79
N ARG B 361 8.54 -24.18 15.88
CA ARG B 361 7.39 -23.36 16.22
C ARG B 361 6.50 -24.01 17.25
N ILE B 362 6.43 -25.35 17.20
CA ILE B 362 5.59 -26.11 18.12
C ILE B 362 6.17 -26.06 19.52
N GLN B 363 7.42 -26.51 19.68
CA GLN B 363 8.05 -26.49 20.99
C GLN B 363 8.01 -25.09 21.55
N GLN B 364 8.17 -24.12 20.67
CA GLN B 364 8.14 -22.71 21.01
C GLN B 364 6.82 -22.40 21.73
N ILE B 365 5.73 -22.98 21.19
CA ILE B 365 4.39 -22.81 21.72
C ILE B 365 4.18 -23.54 23.05
N LEU B 366 4.59 -24.80 23.10
CA LEU B 366 4.45 -25.59 24.32
C LEU B 366 5.18 -25.01 25.51
N ASN B 367 6.10 -24.08 25.25
CA ASN B 367 6.82 -23.46 26.34
C ASN B 367 6.03 -22.25 26.73
N TYR B 368 5.71 -21.44 25.73
CA TYR B 368 4.93 -20.24 25.93
C TYR B 368 3.76 -20.60 26.83
N ILE B 369 3.13 -21.73 26.53
CA ILE B 369 1.99 -22.20 27.31
C ILE B 369 2.36 -22.60 28.74
N LYS B 370 3.16 -23.65 28.90
CA LYS B 370 3.53 -24.09 30.24
C LYS B 370 4.02 -22.92 31.07
N GLY B 371 4.64 -21.97 30.38
CA GLY B 371 5.16 -20.78 31.04
C GLY B 371 4.01 -19.99 31.61
N ASN B 372 2.94 -19.85 30.83
CA ASN B 372 1.77 -19.12 31.29
C ASN B 372 1.03 -19.94 32.33
N LEU B 373 1.08 -21.26 32.20
CA LEU B 373 0.43 -22.12 33.14
C LEU B 373 1.19 -22.10 34.45
N LYS B 374 2.32 -21.41 34.45
CA LYS B 374 3.14 -21.30 35.65
C LYS B 374 2.44 -20.33 36.60
N HIS B 375 1.93 -19.24 36.05
CA HIS B 375 1.23 -18.22 36.84
C HIS B 375 0.03 -18.85 37.53
N VAL B 376 -0.60 -19.82 36.89
CA VAL B 376 -1.75 -20.49 37.49
C VAL B 376 -1.25 -21.33 38.64
N VAL B 377 -0.04 -21.88 38.44
CA VAL B 377 0.63 -22.76 39.41
C VAL B 377 0.73 -22.10 40.79
N ILE B 378 0.87 -20.78 40.80
CA ILE B 378 0.94 -20.01 42.04
C ILE B 378 -0.34 -20.35 42.82
N GLU B 379 -1.47 -19.80 42.41
CA GLU B 379 -2.69 -20.12 43.11
C GLU B 379 -3.73 -20.68 42.14
N GLY B 380 -4.67 -21.45 42.71
CA GLY B 380 -5.72 -22.08 41.93
C GLY B 380 -6.28 -23.29 42.66
N SER C 13 -0.13 -8.88 1.72
CA SER C 13 1.02 -7.95 1.50
C SER C 13 0.59 -6.53 1.83
N LEU C 14 1.39 -5.57 1.38
CA LEU C 14 1.10 -4.16 1.58
C LEU C 14 0.62 -3.70 0.20
N VAL C 15 0.74 -4.60 -0.76
CA VAL C 15 0.34 -4.35 -2.14
C VAL C 15 -1.18 -4.51 -2.34
N PRO C 16 -1.83 -3.51 -2.96
CA PRO C 16 -3.27 -3.52 -3.21
C PRO C 16 -3.70 -4.56 -4.23
N VAL C 17 -4.88 -5.10 -4.03
CA VAL C 17 -5.43 -6.09 -4.94
C VAL C 17 -6.36 -5.40 -5.94
N TYR C 18 -6.06 -5.56 -7.21
CA TYR C 18 -6.85 -4.93 -8.27
C TYR C 18 -7.70 -5.94 -9.04
N ILE C 19 -8.94 -6.18 -8.58
CA ILE C 19 -9.82 -7.11 -9.26
C ILE C 19 -9.94 -6.71 -10.73
N TYR C 20 -9.50 -7.61 -11.61
CA TYR C 20 -9.52 -7.39 -13.05
C TYR C 20 -9.45 -8.69 -13.85
N SER C 21 -9.98 -8.65 -15.06
CA SER C 21 -10.01 -9.78 -15.99
C SER C 21 -10.60 -9.25 -17.28
N PRO C 22 -9.87 -9.39 -18.40
CA PRO C 22 -10.38 -8.90 -19.70
C PRO C 22 -11.83 -9.31 -20.00
N GLU C 23 -12.22 -10.51 -19.53
CA GLU C 23 -13.58 -11.02 -19.75
C GLU C 23 -14.51 -10.10 -19.01
N TYR C 24 -14.16 -9.85 -17.75
CA TYR C 24 -14.90 -8.99 -16.83
C TYR C 24 -15.07 -7.56 -17.38
N VAL C 25 -14.00 -6.97 -17.85
CA VAL C 25 -14.08 -5.62 -18.39
C VAL C 25 -15.07 -5.59 -19.55
N SER C 26 -15.00 -6.60 -20.41
CA SER C 26 -15.88 -6.67 -21.55
C SER C 26 -17.31 -6.77 -21.08
N MET C 27 -17.52 -7.62 -20.07
CA MET C 27 -18.84 -7.80 -19.49
C MET C 27 -19.44 -6.47 -19.04
N CYS C 28 -18.65 -5.70 -18.27
CA CYS C 28 -19.08 -4.41 -17.75
C CYS C 28 -19.35 -3.35 -18.83
N ASP C 29 -18.69 -3.52 -19.97
CA ASP C 29 -18.85 -2.59 -21.08
C ASP C 29 -20.24 -2.65 -21.68
N SER C 30 -20.86 -3.83 -21.64
CA SER C 30 -22.18 -4.02 -22.22
C SER C 30 -23.29 -3.24 -21.50
N LEU C 31 -22.97 -2.57 -20.40
CA LEU C 31 -24.02 -1.83 -19.71
C LEU C 31 -24.43 -0.59 -20.48
N ALA C 32 -25.73 -0.51 -20.72
CA ALA C 32 -26.34 0.59 -21.45
C ALA C 32 -25.83 1.99 -21.08
N LYS C 33 -26.32 2.50 -19.96
CA LYS C 33 -25.97 3.85 -19.52
C LYS C 33 -24.48 4.23 -19.53
N ILE C 34 -23.57 3.26 -19.45
CA ILE C 34 -22.12 3.57 -19.44
C ILE C 34 -21.27 2.66 -20.32
N PRO C 35 -21.49 2.72 -21.64
CA PRO C 35 -20.78 1.92 -22.64
C PRO C 35 -19.28 2.17 -22.71
N LYS C 36 -18.52 1.08 -22.70
CA LYS C 36 -17.06 1.17 -22.80
C LYS C 36 -16.40 1.85 -21.61
N ARG C 37 -17.18 2.27 -20.61
CA ARG C 37 -16.58 2.96 -19.46
C ARG C 37 -15.58 2.08 -18.71
N ALA C 38 -15.97 0.86 -18.39
CA ALA C 38 -15.08 -0.05 -17.66
C ALA C 38 -13.73 -0.18 -18.37
N SER C 39 -13.78 -0.31 -19.70
CA SER C 39 -12.57 -0.44 -20.49
C SER C 39 -11.71 0.83 -20.44
N MET C 40 -12.38 1.96 -20.65
CA MET C 40 -11.72 3.26 -20.64
C MET C 40 -10.92 3.47 -19.36
N VAL C 41 -11.50 3.01 -18.25
CA VAL C 41 -10.87 3.14 -16.95
C VAL C 41 -9.66 2.21 -16.80
N HIS C 42 -9.85 0.93 -17.07
CA HIS C 42 -8.74 -0.02 -16.97
C HIS C 42 -7.62 0.43 -17.92
N SER C 43 -8.05 0.82 -19.12
CA SER C 43 -7.14 1.27 -20.16
C SER C 43 -6.25 2.40 -19.67
N LEU C 44 -6.83 3.38 -18.99
CA LEU C 44 -6.07 4.52 -18.49
C LEU C 44 -5.19 4.18 -17.28
N ILE C 45 -5.67 3.29 -16.42
CA ILE C 45 -4.89 2.87 -15.24
C ILE C 45 -3.68 2.07 -15.75
N GLU C 46 -3.87 1.44 -16.90
CA GLU C 46 -2.84 0.64 -17.53
C GLU C 46 -1.82 1.54 -18.20
N ALA C 47 -2.31 2.61 -18.83
CA ALA C 47 -1.46 3.57 -19.52
C ALA C 47 -0.51 4.28 -18.55
N TYR C 48 -0.91 4.38 -17.29
CA TYR C 48 -0.02 4.97 -16.30
C TYR C 48 0.69 3.81 -15.64
N ALA C 49 0.48 2.63 -16.24
CA ALA C 49 1.07 1.37 -15.80
C ALA C 49 1.11 1.27 -14.29
N LEU C 50 -0.05 1.42 -13.67
CA LEU C 50 -0.18 1.33 -12.23
C LEU C 50 -0.43 -0.12 -11.87
N HIS C 51 -1.07 -0.84 -12.79
CA HIS C 51 -1.38 -2.25 -12.58
C HIS C 51 -0.13 -3.03 -12.19
N LYS C 52 1.00 -2.63 -12.76
CA LYS C 52 2.28 -3.26 -12.47
C LYS C 52 2.61 -3.19 -10.98
N GLN C 53 2.12 -2.15 -10.32
CA GLN C 53 2.36 -1.98 -8.90
C GLN C 53 1.24 -2.57 -8.04
N MET C 54 0.38 -3.39 -8.65
CA MET C 54 -0.72 -4.00 -7.91
C MET C 54 -0.81 -5.51 -8.17
N ARG C 55 -1.66 -6.18 -7.40
CA ARG C 55 -1.85 -7.61 -7.52
C ARG C 55 -3.16 -7.87 -8.25
N ILE C 56 -3.07 -8.29 -9.51
CA ILE C 56 -4.28 -8.55 -10.28
C ILE C 56 -4.98 -9.84 -9.83
N VAL C 57 -6.32 -9.85 -9.87
CA VAL C 57 -7.08 -11.01 -9.43
C VAL C 57 -8.33 -11.23 -10.26
N LYS C 58 -8.58 -12.46 -10.69
CA LYS C 58 -9.77 -12.71 -11.49
C LYS C 58 -11.03 -12.84 -10.66
N PRO C 59 -12.12 -12.21 -11.12
CA PRO C 59 -13.45 -12.18 -10.48
C PRO C 59 -14.14 -13.54 -10.48
N LYS C 60 -14.45 -14.05 -9.29
CA LYS C 60 -15.13 -15.32 -9.15
C LYS C 60 -16.64 -15.15 -9.29
N VAL C 61 -17.12 -15.12 -10.53
CA VAL C 61 -18.53 -14.86 -10.80
C VAL C 61 -19.41 -15.36 -9.66
N ALA C 62 -20.17 -14.45 -9.07
CA ALA C 62 -21.03 -14.79 -7.93
C ALA C 62 -21.95 -15.96 -8.26
N SER C 63 -22.04 -16.91 -7.34
CA SER C 63 -22.89 -18.07 -7.53
C SER C 63 -24.31 -17.64 -7.26
N MET C 64 -25.27 -18.39 -7.81
CA MET C 64 -26.67 -18.07 -7.60
C MET C 64 -26.93 -17.96 -6.10
N GLU C 65 -26.32 -18.88 -5.35
CA GLU C 65 -26.48 -18.94 -3.90
C GLU C 65 -25.86 -17.76 -3.15
N GLU C 66 -24.71 -17.29 -3.61
CA GLU C 66 -24.03 -16.16 -2.98
C GLU C 66 -24.86 -14.89 -3.15
N MET C 67 -25.31 -14.64 -4.37
CA MET C 67 -26.14 -13.47 -4.65
C MET C 67 -27.42 -13.53 -3.82
N ALA C 68 -27.90 -14.74 -3.59
CA ALA C 68 -29.12 -14.96 -2.83
C ALA C 68 -28.95 -14.66 -1.33
N THR C 69 -27.74 -14.27 -0.92
CA THR C 69 -27.51 -13.96 0.49
C THR C 69 -28.13 -12.60 0.84
N PHE C 70 -28.63 -11.90 -0.17
CA PHE C 70 -29.24 -10.60 0.05
C PHE C 70 -30.46 -10.41 -0.83
N HIS C 71 -30.44 -11.04 -2.00
CA HIS C 71 -31.56 -10.91 -2.92
C HIS C 71 -32.48 -12.11 -2.83
N THR C 72 -33.78 -11.86 -2.95
CA THR C 72 -34.78 -12.93 -2.89
C THR C 72 -34.59 -13.84 -4.10
N ASP C 73 -34.88 -15.13 -3.93
CA ASP C 73 -34.74 -16.08 -5.04
C ASP C 73 -35.69 -15.63 -6.15
N ALA C 74 -36.91 -15.28 -5.76
CA ALA C 74 -37.92 -14.81 -6.71
C ALA C 74 -37.34 -13.76 -7.65
N TYR C 75 -36.62 -12.81 -7.08
CA TYR C 75 -36.01 -11.74 -7.86
C TYR C 75 -34.87 -12.22 -8.77
N LEU C 76 -33.85 -12.85 -8.17
CA LEU C 76 -32.71 -13.37 -8.91
C LEU C 76 -33.15 -14.26 -10.07
N GLN C 77 -34.21 -15.03 -9.83
CA GLN C 77 -34.74 -15.92 -10.85
C GLN C 77 -35.40 -15.13 -11.97
N HIS C 78 -36.25 -14.15 -11.60
CA HIS C 78 -36.92 -13.32 -12.61
C HIS C 78 -35.86 -12.53 -13.41
N LEU C 79 -34.82 -12.06 -12.71
CA LEU C 79 -33.74 -11.31 -13.35
C LEU C 79 -33.08 -12.25 -14.36
N GLN C 80 -33.04 -13.54 -14.00
CA GLN C 80 -32.44 -14.54 -14.84
C GLN C 80 -33.28 -14.73 -16.10
N LYS C 81 -34.57 -15.05 -15.92
CA LYS C 81 -35.48 -15.24 -17.05
C LYS C 81 -35.21 -14.15 -18.08
N VAL C 82 -35.63 -12.93 -17.74
CA VAL C 82 -35.46 -11.74 -18.60
C VAL C 82 -34.11 -11.59 -19.31
N SER C 83 -32.98 -11.83 -18.62
CA SER C 83 -31.66 -11.71 -19.24
C SER C 83 -31.51 -12.64 -20.46
N ILE C 108 -27.71 -9.35 -18.78
CA ILE C 108 -27.88 -8.59 -17.54
C ILE C 108 -27.79 -9.46 -16.27
N PHE C 109 -28.12 -10.75 -16.36
CA PHE C 109 -27.99 -11.61 -15.17
C PHE C 109 -26.51 -11.92 -15.01
N ASP C 110 -25.89 -12.37 -16.09
CA ASP C 110 -24.46 -12.70 -16.07
C ASP C 110 -23.71 -11.42 -15.72
N TYR C 111 -24.25 -10.29 -16.17
CA TYR C 111 -23.70 -8.96 -15.89
C TYR C 111 -23.63 -8.81 -14.36
N ALA C 112 -24.80 -8.89 -13.72
CA ALA C 112 -24.91 -8.77 -12.28
C ALA C 112 -23.91 -9.72 -11.63
N ALA C 113 -24.17 -11.01 -11.81
CA ALA C 113 -23.32 -12.05 -11.25
C ALA C 113 -21.82 -11.77 -11.41
N ALA C 114 -21.44 -11.27 -12.58
CA ALA C 114 -20.02 -10.97 -12.85
C ALA C 114 -19.48 -9.95 -11.85
N ILE C 115 -20.22 -8.85 -11.70
CA ILE C 115 -19.86 -7.76 -10.79
C ILE C 115 -19.92 -8.19 -9.32
N GLY C 116 -21.10 -8.66 -8.90
CA GLY C 116 -21.28 -9.10 -7.53
C GLY C 116 -20.17 -10.06 -7.13
N GLY C 117 -19.77 -10.91 -8.06
CA GLY C 117 -18.72 -11.87 -7.79
C GLY C 117 -17.43 -11.12 -7.54
N ALA C 118 -17.09 -10.23 -8.45
CA ALA C 118 -15.86 -9.45 -8.34
C ALA C 118 -15.76 -8.80 -6.96
N THR C 119 -16.80 -8.09 -6.54
CA THR C 119 -16.82 -7.42 -5.24
C THR C 119 -16.64 -8.43 -4.10
N ILE C 120 -17.26 -9.60 -4.28
CA ILE C 120 -17.16 -10.66 -3.28
C ILE C 120 -15.72 -11.16 -3.22
N THR C 121 -15.11 -11.30 -4.40
CA THR C 121 -13.71 -11.73 -4.49
C THR C 121 -12.87 -10.74 -3.70
N ALA C 122 -13.04 -9.46 -4.02
CA ALA C 122 -12.31 -8.38 -3.37
C ALA C 122 -12.37 -8.55 -1.86
N ALA C 123 -13.58 -8.78 -1.36
CA ALA C 123 -13.81 -8.97 0.07
C ALA C 123 -13.07 -10.21 0.58
N GLN C 124 -13.04 -11.26 -0.25
CA GLN C 124 -12.36 -12.50 0.13
C GLN C 124 -10.89 -12.23 0.37
N CYS C 125 -10.26 -11.56 -0.59
CA CYS C 125 -8.84 -11.23 -0.49
C CYS C 125 -8.55 -10.46 0.78
N LEU C 126 -9.41 -9.50 1.10
CA LEU C 126 -9.25 -8.69 2.31
C LEU C 126 -9.29 -9.59 3.54
N ILE C 127 -10.23 -10.53 3.52
CA ILE C 127 -10.42 -11.49 4.60
C ILE C 127 -9.17 -12.35 4.76
N ASP C 128 -8.69 -12.91 3.65
CA ASP C 128 -7.52 -13.77 3.66
C ASP C 128 -6.18 -13.06 3.87
N GLY C 129 -6.20 -11.88 4.48
CA GLY C 129 -4.96 -11.14 4.72
C GLY C 129 -4.05 -10.92 3.51
N MET C 130 -4.57 -11.22 2.32
CA MET C 130 -3.81 -11.07 1.09
C MET C 130 -3.45 -9.61 0.78
N CYS C 131 -4.16 -8.67 1.41
CA CYS C 131 -3.93 -7.25 1.18
C CYS C 131 -4.72 -6.43 2.17
N LYS C 132 -4.45 -5.13 2.17
CA LYS C 132 -5.15 -4.22 3.06
C LYS C 132 -6.18 -3.43 2.26
N VAL C 133 -6.00 -3.43 0.93
CA VAL C 133 -6.91 -2.72 0.03
C VAL C 133 -7.22 -3.50 -1.25
N ALA C 134 -8.51 -3.73 -1.49
CA ALA C 134 -8.95 -4.45 -2.68
C ALA C 134 -9.81 -3.50 -3.52
N ILE C 135 -9.58 -3.48 -4.83
CA ILE C 135 -10.30 -2.58 -5.72
C ILE C 135 -11.16 -3.25 -6.77
N ASN C 136 -12.32 -2.63 -7.02
CA ASN C 136 -13.27 -3.09 -8.03
C ASN C 136 -14.07 -1.88 -8.47
N TRP C 137 -13.54 -1.15 -9.44
CA TRP C 137 -14.20 0.07 -9.91
C TRP C 137 -15.55 -0.18 -10.58
N SER C 138 -15.79 -1.42 -11.01
CA SER C 138 -17.06 -1.72 -11.67
C SER C 138 -18.20 -1.76 -10.66
N GLY C 139 -17.88 -2.23 -9.47
CA GLY C 139 -18.87 -2.31 -8.41
C GLY C 139 -19.32 -0.94 -7.94
N GLY C 140 -20.12 -0.94 -6.88
CA GLY C 140 -20.63 0.30 -6.33
C GLY C 140 -22.10 0.47 -6.65
N TRP C 141 -22.75 -0.60 -7.10
CA TRP C 141 -24.17 -0.56 -7.45
C TRP C 141 -25.04 -0.48 -6.19
N HIS C 142 -25.00 0.67 -5.52
CA HIS C 142 -25.70 0.93 -4.25
C HIS C 142 -27.24 1.12 -4.13
N HIS C 143 -27.97 1.19 -5.25
CA HIS C 143 -29.42 1.37 -5.18
C HIS C 143 -30.24 0.10 -5.12
N ALA C 144 -29.72 -0.96 -5.74
CA ALA C 144 -30.41 -2.24 -5.80
C ALA C 144 -31.00 -2.71 -4.46
N LYS C 145 -32.30 -2.99 -4.47
CA LYS C 145 -33.00 -3.45 -3.28
C LYS C 145 -32.93 -4.98 -3.22
N LYS C 146 -33.28 -5.52 -2.06
CA LYS C 146 -33.25 -6.97 -1.88
C LYS C 146 -34.06 -7.72 -2.94
N ASP C 147 -34.94 -7.03 -3.65
CA ASP C 147 -35.76 -7.67 -4.67
C ASP C 147 -36.48 -6.64 -5.54
N GLU C 148 -35.70 -5.91 -6.33
CA GLU C 148 -36.26 -4.86 -7.19
C GLU C 148 -35.10 -3.97 -7.65
N ALA C 149 -34.78 -4.00 -8.95
CA ALA C 149 -33.68 -3.17 -9.43
C ALA C 149 -34.01 -1.69 -9.10
N SER C 150 -33.01 -0.82 -9.19
CA SER C 150 -33.23 0.59 -8.89
C SER C 150 -32.08 1.43 -9.46
N GLY C 151 -32.43 2.50 -10.17
CA GLY C 151 -31.42 3.38 -10.75
C GLY C 151 -30.18 2.68 -11.29
N PHE C 152 -30.39 1.84 -12.30
CA PHE C 152 -29.31 1.08 -12.95
C PHE C 152 -28.56 0.10 -12.05
N CYS C 153 -29.17 -0.29 -10.95
CA CYS C 153 -28.55 -1.24 -10.02
C CYS C 153 -29.39 -2.51 -9.95
N TYR C 154 -29.00 -3.51 -10.73
CA TYR C 154 -29.75 -4.78 -10.76
C TYR C 154 -29.33 -5.74 -9.67
N LEU C 155 -28.14 -5.51 -9.12
CA LEU C 155 -27.60 -6.39 -8.10
C LEU C 155 -26.82 -5.45 -7.16
N ASN C 156 -26.91 -5.66 -5.86
CA ASN C 156 -26.19 -4.80 -4.93
C ASN C 156 -24.91 -5.45 -4.42
N ASP C 157 -23.86 -5.33 -5.22
CA ASP C 157 -22.58 -5.90 -4.87
C ASP C 157 -22.06 -5.27 -3.59
N ALA C 158 -22.35 -3.98 -3.42
CA ALA C 158 -21.90 -3.25 -2.24
C ALA C 158 -22.29 -4.04 -0.99
N VAL C 159 -23.56 -4.43 -0.91
CA VAL C 159 -24.06 -5.19 0.22
C VAL C 159 -23.38 -6.54 0.32
N LEU C 160 -23.38 -7.28 -0.79
CA LEU C 160 -22.77 -8.61 -0.82
C LEU C 160 -21.36 -8.60 -0.23
N GLY C 161 -20.54 -7.64 -0.65
CA GLY C 161 -19.18 -7.54 -0.14
C GLY C 161 -19.20 -7.36 1.37
N ILE C 162 -20.11 -6.53 1.86
CA ILE C 162 -20.22 -6.28 3.28
C ILE C 162 -20.58 -7.57 4.00
N LEU C 163 -21.51 -8.34 3.45
CA LEU C 163 -21.90 -9.60 4.07
C LEU C 163 -20.71 -10.56 4.15
N ARG C 164 -20.08 -10.78 2.99
CA ARG C 164 -18.91 -11.66 2.90
C ARG C 164 -17.82 -11.20 3.87
N LEU C 165 -17.70 -9.89 4.00
CA LEU C 165 -16.71 -9.27 4.87
C LEU C 165 -17.02 -9.55 6.35
N ARG C 166 -18.28 -9.41 6.74
CA ARG C 166 -18.67 -9.63 8.12
C ARG C 166 -18.30 -11.00 8.65
N ARG C 167 -17.87 -11.89 7.75
CA ARG C 167 -17.47 -13.23 8.17
C ARG C 167 -16.28 -13.15 9.11
N LYS C 168 -15.36 -12.25 8.80
CA LYS C 168 -14.16 -12.10 9.61
C LYS C 168 -14.19 -10.87 10.49
N PHE C 169 -14.76 -9.78 9.99
CA PHE C 169 -14.79 -8.53 10.73
C PHE C 169 -16.11 -8.26 11.43
N GLU C 170 -16.02 -7.80 12.68
CA GLU C 170 -17.20 -7.51 13.50
C GLU C 170 -18.00 -6.29 13.05
N ARG C 171 -17.42 -5.11 13.23
CA ARG C 171 -18.10 -3.90 12.80
C ARG C 171 -17.51 -3.46 11.46
N ILE C 172 -18.40 -3.26 10.50
CA ILE C 172 -17.99 -2.81 9.17
C ILE C 172 -18.60 -1.45 8.82
N LEU C 173 -17.77 -0.57 8.26
CA LEU C 173 -18.22 0.77 7.89
C LEU C 173 -18.35 0.95 6.38
N TYR C 174 -19.50 1.46 5.97
CA TYR C 174 -19.74 1.72 4.56
C TYR C 174 -19.83 3.21 4.33
N VAL C 175 -18.86 3.78 3.61
CA VAL C 175 -18.85 5.20 3.32
C VAL C 175 -19.19 5.41 1.86
N ASP C 176 -20.32 6.07 1.61
CA ASP C 176 -20.81 6.31 0.24
C ASP C 176 -20.63 7.75 -0.24
N LEU C 177 -19.67 7.94 -1.14
CA LEU C 177 -19.39 9.26 -1.66
C LEU C 177 -19.93 9.51 -3.04
N ASP C 178 -20.84 8.65 -3.49
CA ASP C 178 -21.45 8.83 -4.80
C ASP C 178 -22.29 10.09 -4.70
N LEU C 179 -22.72 10.63 -5.84
CA LEU C 179 -23.53 11.83 -5.80
C LEU C 179 -24.85 11.50 -5.12
N HIS C 180 -25.42 10.36 -5.50
CA HIS C 180 -26.68 9.93 -4.94
C HIS C 180 -26.56 9.27 -3.58
N HIS C 181 -27.65 9.30 -2.82
CA HIS C 181 -27.72 8.68 -1.51
C HIS C 181 -27.71 7.16 -1.68
N GLY C 182 -26.90 6.47 -0.88
CA GLY C 182 -26.84 5.01 -0.98
C GLY C 182 -27.97 4.32 -0.23
N ASP C 183 -29.20 4.51 -0.72
CA ASP C 183 -30.39 3.94 -0.09
C ASP C 183 -30.33 2.42 0.04
N GLY C 184 -30.24 1.71 -1.09
CA GLY C 184 -30.19 0.25 -1.06
C GLY C 184 -29.27 -0.34 0.01
N VAL C 185 -28.02 0.08 0.02
CA VAL C 185 -27.07 -0.43 1.00
C VAL C 185 -27.49 -0.02 2.41
N GLU C 186 -27.97 1.21 2.55
CA GLU C 186 -28.40 1.72 3.86
C GLU C 186 -29.52 0.89 4.45
N ASP C 187 -30.54 0.62 3.64
CA ASP C 187 -31.68 -0.16 4.10
C ASP C 187 -31.25 -1.52 4.57
N ALA C 188 -30.54 -2.24 3.71
CA ALA C 188 -30.07 -3.57 4.05
C ALA C 188 -29.58 -3.62 5.49
N PHE C 189 -28.84 -2.59 5.91
CA PHE C 189 -28.32 -2.58 7.27
C PHE C 189 -28.89 -1.49 8.17
N SER C 190 -30.12 -1.07 7.88
CA SER C 190 -30.73 -0.01 8.67
C SER C 190 -31.09 -0.44 10.10
N PHE C 191 -31.39 -1.72 10.28
CA PHE C 191 -31.76 -2.22 11.60
C PHE C 191 -30.65 -2.84 12.44
N THR C 192 -29.44 -2.89 11.91
CA THR C 192 -28.36 -3.48 12.69
C THR C 192 -27.33 -2.44 13.13
N SER C 193 -26.48 -2.83 14.07
CA SER C 193 -25.44 -1.95 14.58
C SER C 193 -24.08 -2.53 14.22
N LYS C 194 -24.09 -3.67 13.54
CA LYS C 194 -22.85 -4.33 13.14
C LYS C 194 -22.24 -3.61 11.92
N VAL C 195 -23.09 -2.90 11.18
CA VAL C 195 -22.68 -2.18 9.99
C VAL C 195 -23.17 -0.75 10.02
N MET C 196 -22.25 0.18 9.85
CA MET C 196 -22.62 1.58 9.82
C MET C 196 -22.47 2.14 8.41
N THR C 197 -23.47 2.91 7.99
CA THR C 197 -23.45 3.49 6.66
C THR C 197 -23.39 5.03 6.69
N VAL C 198 -22.36 5.59 6.07
CA VAL C 198 -22.19 7.03 6.00
C VAL C 198 -22.35 7.44 4.56
N SER C 199 -23.27 8.37 4.29
CA SER C 199 -23.53 8.79 2.91
C SER C 199 -23.57 10.29 2.66
N LEU C 200 -22.66 10.78 1.81
CA LEU C 200 -22.63 12.19 1.43
C LEU C 200 -23.30 12.20 0.07
N HIS C 201 -24.22 13.12 -0.13
CA HIS C 201 -24.95 13.15 -1.39
C HIS C 201 -25.81 14.40 -1.53
N LYS C 202 -26.21 14.70 -2.76
CA LYS C 202 -27.07 15.84 -3.01
C LYS C 202 -28.45 15.41 -2.57
N PHE C 203 -29.07 16.20 -1.69
CA PHE C 203 -30.42 15.91 -1.25
C PHE C 203 -31.30 17.09 -1.60
N SER C 204 -32.25 16.86 -2.50
CA SER C 204 -33.14 17.92 -2.93
C SER C 204 -34.44 17.35 -3.50
N PRO C 205 -35.48 18.20 -3.60
CA PRO C 205 -36.80 17.83 -4.13
C PRO C 205 -36.72 17.34 -5.57
N GLY C 206 -37.09 16.08 -5.77
CA GLY C 206 -37.06 15.51 -7.10
C GLY C 206 -35.77 14.77 -7.40
N PHE C 207 -34.70 15.15 -6.73
CA PHE C 207 -33.42 14.47 -6.94
C PHE C 207 -33.49 13.07 -6.37
N PHE C 208 -33.31 12.09 -7.24
CA PHE C 208 -33.34 10.66 -6.91
C PHE C 208 -32.20 10.21 -5.99
N PRO C 209 -32.48 9.28 -5.05
CA PRO C 209 -33.78 8.63 -4.77
C PRO C 209 -34.66 9.53 -3.90
N GLY C 210 -34.12 10.69 -3.53
CA GLY C 210 -34.84 11.65 -2.72
C GLY C 210 -34.99 11.19 -1.28
N THR C 211 -34.27 10.14 -0.93
CA THR C 211 -34.30 9.62 0.44
C THR C 211 -33.06 10.06 1.22
N GLY C 212 -33.02 9.67 2.49
CA GLY C 212 -31.88 9.98 3.34
C GLY C 212 -31.66 11.47 3.51
N ASP C 213 -32.57 12.11 4.22
CA ASP C 213 -32.27 13.37 4.89
C ASP C 213 -31.16 13.19 5.93
N VAL C 214 -31.01 14.18 6.80
CA VAL C 214 -30.03 14.10 7.89
C VAL C 214 -30.76 13.54 9.12
N SER C 215 -32.08 13.62 9.08
CA SER C 215 -32.91 13.11 10.16
C SER C 215 -33.03 11.60 10.03
N ASP C 216 -32.51 11.07 8.91
CA ASP C 216 -32.49 9.64 8.66
C ASP C 216 -31.32 9.08 9.50
N VAL C 217 -31.65 8.18 10.42
CA VAL C 217 -30.66 7.62 11.33
C VAL C 217 -30.62 6.09 11.47
N GLY C 218 -31.71 5.43 11.09
CA GLY C 218 -31.76 3.99 11.22
C GLY C 218 -32.90 3.62 12.15
N LEU C 219 -33.20 2.32 12.23
CA LEU C 219 -34.31 1.87 13.07
C LEU C 219 -33.92 0.80 14.08
N GLY C 220 -34.70 0.71 15.15
CA GLY C 220 -34.44 -0.29 16.17
C GLY C 220 -33.03 -0.16 16.72
N LYS C 221 -32.31 -1.27 16.78
CA LYS C 221 -30.95 -1.29 17.28
C LYS C 221 -29.98 -0.88 16.17
N GLY C 222 -30.56 -0.33 15.11
CA GLY C 222 -29.78 0.15 13.99
C GLY C 222 -29.95 1.65 13.92
N ARG C 223 -30.60 2.18 14.95
CA ARG C 223 -30.88 3.61 15.10
C ARG C 223 -29.54 4.26 15.37
N TYR C 224 -29.29 5.38 14.70
CA TYR C 224 -28.04 6.12 14.81
C TYR C 224 -26.89 5.33 14.18
N TYR C 225 -27.22 4.33 13.37
CA TYR C 225 -26.18 3.55 12.71
C TYR C 225 -26.25 3.73 11.22
N SER C 226 -26.88 4.83 10.85
CA SER C 226 -27.05 5.25 9.47
C SER C 226 -26.88 6.77 9.54
N VAL C 227 -25.79 7.27 8.99
CA VAL C 227 -25.55 8.72 8.98
C VAL C 227 -25.64 9.25 7.55
N ASN C 228 -26.43 10.31 7.37
CA ASN C 228 -26.61 10.93 6.05
C ASN C 228 -26.34 12.42 6.07
N VAL C 229 -25.41 12.86 5.23
CA VAL C 229 -25.05 14.27 5.13
C VAL C 229 -25.57 14.86 3.81
N PRO C 230 -26.74 15.53 3.84
CA PRO C 230 -27.32 16.13 2.63
C PRO C 230 -26.57 17.40 2.19
N ILE C 231 -25.95 17.34 1.01
CA ILE C 231 -25.21 18.48 0.49
C ILE C 231 -26.04 19.14 -0.60
N GLN C 232 -25.63 20.35 -0.98
CA GLN C 232 -26.30 21.13 -2.03
C GLN C 232 -25.38 21.35 -3.24
N ASP C 233 -25.98 21.71 -4.38
CA ASP C 233 -25.20 21.94 -5.60
C ASP C 233 -24.04 22.91 -5.45
N GLY C 234 -23.04 22.76 -6.32
CA GLY C 234 -21.90 23.65 -6.30
C GLY C 234 -20.77 23.36 -5.34
N ILE C 235 -20.99 22.45 -4.39
CA ILE C 235 -19.94 22.11 -3.40
C ILE C 235 -18.62 21.74 -4.10
N GLN C 236 -17.50 22.25 -3.58
CA GLN C 236 -16.19 21.94 -4.17
C GLN C 236 -15.29 21.23 -3.18
N ASP C 237 -14.14 20.80 -3.69
CA ASP C 237 -13.14 20.07 -2.90
C ASP C 237 -12.87 20.73 -1.55
N GLU C 238 -12.91 22.06 -1.53
CA GLU C 238 -12.67 22.80 -0.31
C GLU C 238 -13.57 22.31 0.83
N LYS C 239 -14.82 22.76 0.79
CA LYS C 239 -15.81 22.42 1.83
C LYS C 239 -16.07 20.94 1.96
N TYR C 240 -16.25 20.25 0.83
CA TYR C 240 -16.53 18.84 0.85
C TYR C 240 -15.63 18.06 1.82
N TYR C 241 -14.31 18.27 1.73
CA TYR C 241 -13.38 17.58 2.62
C TYR C 241 -13.65 17.96 4.07
N GLN C 242 -13.82 19.27 4.30
CA GLN C 242 -14.11 19.77 5.64
C GLN C 242 -15.27 18.98 6.23
N ILE C 243 -16.39 18.99 5.50
CA ILE C 243 -17.59 18.30 5.88
C ILE C 243 -17.35 16.80 6.07
N CYS C 244 -16.71 16.20 5.08
CA CYS C 244 -16.45 14.77 5.13
C CYS C 244 -15.48 14.38 6.23
N GLU C 245 -14.28 14.97 6.22
CA GLU C 245 -13.29 14.64 7.22
C GLU C 245 -13.79 14.91 8.62
N SER C 246 -14.79 15.77 8.72
CA SER C 246 -15.42 16.10 10.00
C SER C 246 -16.21 14.88 10.48
N VAL C 247 -17.19 14.49 9.68
CA VAL C 247 -18.05 13.34 9.97
C VAL C 247 -17.23 12.07 10.21
N LEU C 248 -16.34 11.76 9.25
CA LEU C 248 -15.52 10.56 9.37
C LEU C 248 -14.69 10.51 10.64
N LYS C 249 -14.43 11.67 11.23
CA LYS C 249 -13.64 11.73 12.45
C LYS C 249 -14.51 11.18 13.58
N GLU C 250 -15.71 11.73 13.68
CA GLU C 250 -16.68 11.34 14.69
C GLU C 250 -17.00 9.86 14.54
N VAL C 251 -17.45 9.48 13.34
CA VAL C 251 -17.79 8.11 13.06
C VAL C 251 -16.68 7.17 13.51
N TYR C 252 -15.44 7.52 13.19
CA TYR C 252 -14.33 6.66 13.57
C TYR C 252 -14.24 6.44 15.08
N GLN C 253 -14.16 7.54 15.82
CA GLN C 253 -14.08 7.50 17.28
C GLN C 253 -15.19 6.66 17.90
N ALA C 254 -16.43 7.04 17.58
CA ALA C 254 -17.63 6.41 18.12
C ALA C 254 -18.04 5.04 17.58
N PHE C 255 -17.35 4.55 16.56
CA PHE C 255 -17.71 3.28 15.94
C PHE C 255 -16.56 2.28 16.04
N ASN C 256 -15.34 2.75 15.83
CA ASN C 256 -14.18 1.88 15.77
C ASN C 256 -14.41 0.69 14.85
N PRO C 257 -14.35 0.93 13.55
CA PRO C 257 -14.62 -0.12 12.56
C PRO C 257 -13.50 -1.16 12.51
N LYS C 258 -13.77 -2.29 11.85
CA LYS C 258 -12.77 -3.34 11.71
C LYS C 258 -12.35 -3.43 10.25
N ALA C 259 -13.26 -3.03 9.37
CA ALA C 259 -13.02 -3.02 7.93
C ALA C 259 -13.86 -1.92 7.31
N VAL C 260 -13.56 -1.55 6.07
CA VAL C 260 -14.31 -0.49 5.40
C VAL C 260 -14.60 -0.72 3.91
N VAL C 261 -15.84 -0.46 3.53
CA VAL C 261 -16.26 -0.58 2.14
C VAL C 261 -16.58 0.84 1.68
N LEU C 262 -15.75 1.37 0.78
CA LEU C 262 -15.87 2.74 0.26
C LEU C 262 -16.30 2.85 -1.21
N GLN C 263 -17.48 3.42 -1.44
CA GLN C 263 -18.02 3.60 -2.80
C GLN C 263 -17.63 4.99 -3.27
N LEU C 264 -16.98 5.06 -4.42
CA LEU C 264 -16.52 6.34 -4.94
C LEU C 264 -17.10 6.82 -6.27
N GLY C 265 -18.40 6.64 -6.48
CA GLY C 265 -19.02 7.07 -7.72
C GLY C 265 -18.54 8.45 -8.10
N ALA C 266 -18.06 8.59 -9.34
CA ALA C 266 -17.53 9.87 -9.84
C ALA C 266 -18.58 10.82 -10.39
N ASP C 267 -19.86 10.53 -10.16
CA ASP C 267 -20.91 11.41 -10.66
C ASP C 267 -21.01 12.70 -9.82
N THR C 268 -19.99 12.94 -9.00
CA THR C 268 -19.97 14.14 -8.19
C THR C 268 -18.97 15.10 -8.79
N ILE C 269 -18.05 14.56 -9.59
CA ILE C 269 -17.02 15.37 -10.22
C ILE C 269 -17.60 16.36 -11.24
N ALA C 270 -17.01 17.55 -11.28
CA ALA C 270 -17.45 18.58 -12.20
C ALA C 270 -17.48 18.04 -13.63
N GLY C 271 -18.46 18.49 -14.42
CA GLY C 271 -18.54 18.03 -15.79
C GLY C 271 -19.44 16.84 -15.99
N ASP C 272 -19.81 16.16 -14.92
CA ASP C 272 -20.68 15.01 -15.05
C ASP C 272 -22.06 15.55 -15.42
N PRO C 273 -22.79 14.85 -16.32
CA PRO C 273 -24.13 15.25 -16.76
C PRO C 273 -25.00 15.65 -15.58
N MET C 274 -24.88 14.90 -14.49
CA MET C 274 -25.64 15.15 -13.28
C MET C 274 -25.60 16.61 -12.80
N CYS C 275 -24.64 17.37 -13.31
CA CYS C 275 -24.51 18.78 -12.94
C CYS C 275 -25.01 19.17 -11.55
N SER C 276 -24.42 18.61 -10.50
CA SER C 276 -24.83 18.96 -9.15
C SER C 276 -23.66 19.47 -8.33
N PHE C 277 -22.74 18.58 -8.02
CA PHE C 277 -21.58 18.97 -7.25
C PHE C 277 -20.54 19.53 -8.21
N ASN C 278 -19.50 20.12 -7.65
CA ASN C 278 -18.44 20.72 -8.44
C ASN C 278 -17.10 20.26 -7.90
N MET C 279 -16.98 18.95 -7.75
CA MET C 279 -15.79 18.32 -7.20
C MET C 279 -14.80 17.93 -8.25
N THR C 280 -13.56 17.72 -7.83
CA THR C 280 -12.49 17.26 -8.73
C THR C 280 -11.86 16.07 -8.02
N PRO C 281 -11.42 15.05 -8.79
CA PRO C 281 -10.82 13.87 -8.18
C PRO C 281 -9.82 14.14 -7.07
N VAL C 282 -9.27 15.35 -7.03
CA VAL C 282 -8.32 15.66 -5.98
C VAL C 282 -8.98 15.69 -4.62
N GLY C 283 -10.15 16.32 -4.57
CA GLY C 283 -10.91 16.42 -3.33
C GLY C 283 -11.30 15.04 -2.85
N ILE C 284 -12.07 14.32 -3.67
CA ILE C 284 -12.48 12.97 -3.33
C ILE C 284 -11.22 12.24 -2.84
N GLY C 285 -10.10 12.48 -3.53
CA GLY C 285 -8.85 11.87 -3.14
C GLY C 285 -8.48 12.09 -1.68
N LYS C 286 -8.57 13.34 -1.22
CA LYS C 286 -8.24 13.67 0.16
C LYS C 286 -9.09 12.88 1.15
N CYS C 287 -10.35 12.63 0.79
CA CYS C 287 -11.24 11.87 1.65
C CYS C 287 -10.72 10.44 1.67
N LEU C 288 -10.32 9.96 0.49
CA LEU C 288 -9.79 8.61 0.34
C LEU C 288 -8.58 8.43 1.24
N LYS C 289 -7.63 9.35 1.12
CA LYS C 289 -6.42 9.33 1.92
C LYS C 289 -6.77 9.28 3.40
N TYR C 290 -7.69 10.15 3.82
CA TYR C 290 -8.08 10.17 5.22
C TYR C 290 -8.57 8.82 5.72
N ILE C 291 -9.34 8.11 4.90
CA ILE C 291 -9.85 6.80 5.29
C ILE C 291 -8.71 5.78 5.31
N LEU C 292 -7.95 5.74 4.21
CA LEU C 292 -6.83 4.82 4.08
C LEU C 292 -5.89 4.88 5.28
N GLN C 293 -5.67 6.09 5.77
CA GLN C 293 -4.79 6.29 6.89
C GLN C 293 -5.18 5.41 8.12
N TRP C 294 -6.45 5.05 8.25
CA TRP C 294 -6.87 4.19 9.35
C TRP C 294 -6.26 2.80 9.20
N GLN C 295 -5.69 2.54 8.02
CA GLN C 295 -5.08 1.25 7.73
C GLN C 295 -5.86 0.00 8.12
N LEU C 296 -7.19 0.08 8.03
CA LEU C 296 -8.06 -1.07 8.31
C LEU C 296 -8.20 -1.74 6.93
N ALA C 297 -8.72 -2.95 6.85
CA ALA C 297 -8.89 -3.56 5.55
C ALA C 297 -9.93 -2.70 4.84
N THR C 298 -9.68 -2.36 3.58
CA THR C 298 -10.60 -1.50 2.84
C THR C 298 -10.95 -2.02 1.46
N LEU C 299 -12.25 -2.04 1.15
CA LEU C 299 -12.74 -2.50 -0.15
C LEU C 299 -13.24 -1.27 -0.92
N ILE C 300 -12.56 -0.95 -2.02
CA ILE C 300 -12.94 0.20 -2.83
C ILE C 300 -13.87 -0.15 -3.98
N LEU C 301 -14.87 0.71 -4.18
CA LEU C 301 -15.86 0.53 -5.24
C LEU C 301 -16.09 1.79 -6.08
N GLY C 302 -16.54 1.56 -7.32
CA GLY C 302 -16.83 2.66 -8.23
C GLY C 302 -18.26 3.14 -8.10
N GLY C 303 -19.07 2.98 -9.15
CA GLY C 303 -20.46 3.44 -9.07
C GLY C 303 -20.78 4.50 -10.10
N GLY C 304 -21.51 5.55 -9.70
CA GLY C 304 -21.86 6.61 -10.62
C GLY C 304 -20.62 7.14 -11.33
N GLY C 305 -20.81 7.81 -12.46
CA GLY C 305 -19.70 8.34 -13.28
C GLY C 305 -20.29 8.26 -14.68
N TYR C 306 -20.49 9.39 -15.36
CA TYR C 306 -21.21 9.35 -16.63
C TYR C 306 -20.58 10.29 -17.65
N ASN C 307 -19.59 11.05 -17.16
CA ASN C 307 -18.75 11.88 -18.02
C ASN C 307 -17.60 10.87 -18.07
N LEU C 308 -17.72 9.87 -18.94
CA LEU C 308 -16.73 8.81 -19.05
C LEU C 308 -15.26 9.22 -18.95
N ALA C 309 -14.81 10.07 -19.87
CA ALA C 309 -13.42 10.54 -19.84
C ALA C 309 -13.06 10.88 -18.40
N ASN C 310 -13.80 11.82 -17.82
CA ASN C 310 -13.59 12.25 -16.45
C ASN C 310 -13.61 11.13 -15.44
N THR C 311 -14.63 10.26 -15.52
CA THR C 311 -14.73 9.15 -14.58
C THR C 311 -13.42 8.37 -14.58
N ALA C 312 -12.87 8.14 -15.77
CA ALA C 312 -11.59 7.45 -15.90
C ALA C 312 -10.49 8.22 -15.18
N ARG C 313 -10.30 9.50 -15.54
CA ARG C 313 -9.27 10.31 -14.90
C ARG C 313 -9.39 10.23 -13.40
N CYS C 314 -10.62 10.42 -12.92
CA CYS C 314 -10.87 10.40 -11.50
C CYS C 314 -10.41 9.11 -10.83
N TRP C 315 -10.99 7.99 -11.25
CA TRP C 315 -10.59 6.74 -10.63
C TRP C 315 -9.11 6.40 -10.83
N THR C 316 -8.54 6.81 -11.95
CA THR C 316 -7.13 6.53 -12.17
C THR C 316 -6.34 7.35 -11.17
N TYR C 317 -6.71 8.62 -11.03
CA TYR C 317 -6.00 9.46 -10.09
C TYR C 317 -6.07 8.87 -8.68
N LEU C 318 -7.27 8.39 -8.31
CA LEU C 318 -7.47 7.80 -7.00
C LEU C 318 -6.63 6.55 -6.84
N THR C 319 -6.57 5.74 -7.89
CA THR C 319 -5.75 4.54 -7.87
C THR C 319 -4.33 4.99 -7.55
N GLY C 320 -3.94 6.11 -8.15
CA GLY C 320 -2.62 6.66 -7.91
C GLY C 320 -2.49 6.93 -6.42
N VAL C 321 -3.45 7.65 -5.87
CA VAL C 321 -3.44 7.95 -4.45
C VAL C 321 -3.25 6.69 -3.63
N ILE C 322 -4.03 5.65 -3.95
CA ILE C 322 -3.94 4.38 -3.23
C ILE C 322 -2.53 3.78 -3.29
N LEU C 323 -1.75 4.16 -4.29
CA LEU C 323 -0.39 3.67 -4.40
C LEU C 323 0.60 4.73 -3.95
N GLY C 324 0.08 5.85 -3.42
CA GLY C 324 0.94 6.92 -2.98
C GLY C 324 1.83 7.41 -4.13
N LYS C 325 1.32 7.22 -5.35
CA LYS C 325 2.02 7.63 -6.56
C LYS C 325 1.49 8.95 -7.11
N THR C 326 2.39 9.70 -7.74
CA THR C 326 2.04 10.97 -8.34
C THR C 326 2.05 10.77 -9.85
N LEU C 327 0.91 10.99 -10.49
CA LEU C 327 0.81 10.82 -11.94
C LEU C 327 1.14 12.13 -12.66
N SER C 328 1.53 12.04 -13.93
CA SER C 328 1.86 13.24 -14.70
C SER C 328 0.60 13.71 -15.41
N SER C 329 0.50 15.02 -15.66
CA SER C 329 -0.68 15.59 -16.32
C SER C 329 -0.89 15.02 -17.71
N GLU C 330 0.19 14.92 -18.47
CA GLU C 330 0.12 14.39 -19.82
C GLU C 330 -0.62 13.07 -19.86
N ILE C 331 -1.77 13.03 -20.51
CA ILE C 331 -2.51 11.79 -20.62
C ILE C 331 -1.73 10.87 -21.55
N PRO C 332 -1.24 9.73 -21.03
CA PRO C 332 -0.48 8.76 -21.82
C PRO C 332 -1.27 8.25 -23.01
N ASP C 333 -0.64 8.21 -24.17
CA ASP C 333 -1.31 7.72 -25.36
C ASP C 333 -1.78 6.30 -25.03
N HIS C 334 -3.01 5.97 -25.42
CA HIS C 334 -3.56 4.65 -25.19
C HIS C 334 -4.75 4.46 -26.09
N GLU C 335 -5.40 3.31 -25.97
CA GLU C 335 -6.55 2.97 -26.79
C GLU C 335 -7.67 4.03 -26.91
N PHE C 336 -7.86 4.85 -25.88
CA PHE C 336 -8.92 5.87 -25.90
C PHE C 336 -8.42 7.30 -25.83
N PHE C 337 -7.12 7.49 -26.08
CA PHE C 337 -6.52 8.81 -25.99
C PHE C 337 -7.42 9.90 -26.50
N THR C 338 -7.93 9.70 -27.71
CA THR C 338 -8.83 10.65 -28.37
C THR C 338 -9.91 11.23 -27.42
N ALA C 339 -10.53 10.36 -26.63
CA ALA C 339 -11.59 10.73 -25.70
C ALA C 339 -11.31 11.82 -24.66
N TYR C 340 -10.05 12.03 -24.31
CA TYR C 340 -9.72 13.04 -23.31
C TYR C 340 -9.46 14.42 -23.90
N GLY C 341 -10.12 14.70 -25.01
CA GLY C 341 -9.97 15.99 -25.64
C GLY C 341 -10.53 17.08 -24.75
N PRO C 342 -10.14 18.35 -24.96
CA PRO C 342 -9.21 18.77 -26.00
C PRO C 342 -7.85 19.12 -25.40
N ASP C 343 -7.69 18.89 -24.11
CA ASP C 343 -6.43 19.23 -23.45
C ASP C 343 -5.58 18.03 -23.08
N TYR C 344 -6.18 16.86 -23.09
CA TYR C 344 -5.47 15.63 -22.78
C TYR C 344 -4.59 15.71 -21.53
N VAL C 345 -5.21 16.15 -20.44
CA VAL C 345 -4.53 16.25 -19.15
C VAL C 345 -5.36 15.51 -18.11
N LEU C 346 -4.71 15.16 -17.00
CA LEU C 346 -5.37 14.41 -15.94
C LEU C 346 -6.28 15.29 -15.11
N GLU C 347 -5.81 16.48 -14.75
CA GLU C 347 -6.58 17.40 -13.93
C GLU C 347 -7.95 17.76 -14.50
N ILE C 348 -8.88 18.04 -13.59
CA ILE C 348 -10.23 18.43 -13.96
C ILE C 348 -10.46 19.80 -13.32
N THR C 349 -11.10 20.69 -14.05
CA THR C 349 -11.33 22.02 -13.50
C THR C 349 -12.78 22.26 -13.14
N PRO C 350 -13.01 22.65 -11.88
CA PRO C 350 -14.36 22.94 -11.38
C PRO C 350 -15.06 23.97 -12.24
N SER C 351 -16.30 23.70 -12.63
CA SER C 351 -17.06 24.64 -13.45
C SER C 351 -17.31 25.95 -12.68
N CYS C 352 -17.96 26.91 -13.33
CA CYS C 352 -18.22 28.18 -12.68
C CYS C 352 -19.67 28.38 -12.30
N ARG C 353 -20.12 27.64 -11.28
CA ARG C 353 -21.47 27.71 -10.75
C ARG C 353 -21.30 28.05 -9.27
N PRO C 354 -22.30 28.70 -8.66
CA PRO C 354 -22.15 29.04 -7.23
C PRO C 354 -22.36 27.85 -6.30
N ASP C 355 -21.68 27.88 -5.15
CA ASP C 355 -21.75 26.79 -4.20
C ASP C 355 -22.88 27.01 -3.20
N ARG C 356 -24.05 26.44 -3.49
CA ARG C 356 -25.28 26.85 -2.82
C ARG C 356 -25.33 26.34 -1.40
N ASN C 357 -24.16 26.07 -0.82
CA ASN C 357 -24.08 25.42 0.49
C ASN C 357 -23.89 26.43 1.62
N GLU C 358 -24.99 27.00 2.07
CA GLU C 358 -24.96 27.98 3.17
C GLU C 358 -24.27 27.39 4.41
N PRO C 359 -23.12 27.98 4.83
CA PRO C 359 -22.34 27.53 5.99
C PRO C 359 -23.05 27.43 7.34
N HIS C 360 -24.22 28.05 7.47
CA HIS C 360 -24.99 27.95 8.72
C HIS C 360 -25.61 26.57 8.75
N ARG C 361 -26.44 26.32 7.74
CA ARG C 361 -27.14 25.05 7.59
C ARG C 361 -26.21 23.85 7.69
N ILE C 362 -24.97 24.05 7.23
CA ILE C 362 -23.96 23.00 7.24
C ILE C 362 -23.53 22.70 8.68
N GLN C 363 -23.02 23.71 9.38
CA GLN C 363 -22.59 23.51 10.76
C GLN C 363 -23.74 22.94 11.59
N GLN C 364 -24.95 23.38 11.25
CA GLN C 364 -26.17 22.95 11.91
C GLN C 364 -26.25 21.43 11.79
N ILE C 365 -25.93 20.93 10.59
CA ILE C 365 -25.94 19.50 10.29
C ILE C 365 -24.82 18.74 10.99
N LEU C 366 -23.59 19.26 10.91
CA LEU C 366 -22.45 18.61 11.55
C LEU C 366 -22.60 18.48 13.05
N ASN C 367 -23.54 19.20 13.61
CA ASN C 367 -23.76 19.11 15.06
C ASN C 367 -24.80 18.05 15.25
N TYR C 368 -25.89 18.20 14.53
CA TYR C 368 -26.98 17.25 14.57
C TYR C 368 -26.36 15.84 14.51
N ILE C 369 -25.41 15.67 13.60
CA ILE C 369 -24.74 14.40 13.41
C ILE C 369 -23.90 13.98 14.61
N LYS C 370 -22.83 14.72 14.89
CA LYS C 370 -21.96 14.38 16.02
C LYS C 370 -22.80 14.13 17.27
N GLY C 371 -23.90 14.87 17.36
CA GLY C 371 -24.80 14.73 18.49
C GLY C 371 -25.40 13.33 18.51
N ASN C 372 -25.81 12.85 17.34
CA ASN C 372 -26.37 11.51 17.22
C ASN C 372 -25.28 10.48 17.38
N LEU C 373 -24.08 10.82 16.92
CA LEU C 373 -22.96 9.90 17.04
C LEU C 373 -22.54 9.83 18.51
N LYS C 374 -23.17 10.65 19.34
CA LYS C 374 -22.86 10.65 20.78
C LYS C 374 -23.48 9.39 21.39
N HIS C 375 -24.71 9.09 20.98
CA HIS C 375 -25.43 7.91 21.47
C HIS C 375 -24.63 6.66 21.13
N VAL C 376 -23.91 6.71 20.03
CA VAL C 376 -23.10 5.59 19.59
C VAL C 376 -21.64 5.73 20.08
#